data_3TA4
#
_entry.id   3TA4
#
_cell.length_a   84.420
_cell.length_b   115.260
_cell.length_c   163.510
_cell.angle_alpha   90.000
_cell.angle_beta   90.000
_cell.angle_gamma   90.000
#
_symmetry.space_group_name_H-M   'C 2 2 21'
#
loop_
_entity.id
_entity.type
_entity.pdbx_description
1 polymer 'small laccase, multi-copper oxidase'
2 non-polymer 'COPPER (II) ION'
3 non-polymer (1R,2S)-1-(3,4-dimethoxyphenyl)-2-(2-methoxyphenoxy)propane-1,3-diol
4 water water
#
_entity_poly.entity_id   1
_entity_poly.type   'polypeptide(L)'
_entity_poly.pdbx_seq_one_letter_code
;MGSSHHHHHHSSGLVPRGSHMPVRAQGTTRRITMYAEKISDELYGYGLAPGGATVPGPVLEMWEGDTLEIDLVNTTDRVL
SLHPHGVDYDVNSDGTLMNGSAVMPGQTRRYTWRSHVGYRRADGSWAEGTAGYWHYHDHAMGTEHGTEGVLKGLYGALVV
RRQGDLLPKRQFTVVFNDMMINNRAHHDAPTFEANLGERVEWIAIGHGSNFHTFHLHGHRWLDNRTGMRTSEYDPSPLID
IKDLNPGVSFGFQVIAGEGVGPGMWMYHCHVQNHSDMGMAGMFLVRNADGTMPAGVHEH
;
_entity_poly.pdbx_strand_id   F,D,E
#
# COMPACT_ATOMS: atom_id res chain seq x y z
N GLY A 18 -2.92 32.59 -35.71
CA GLY A 18 -2.80 32.00 -37.03
C GLY A 18 -1.33 32.00 -37.40
N SER A 19 -0.98 31.52 -38.59
CA SER A 19 0.41 31.36 -38.89
C SER A 19 0.92 32.75 -38.61
N HIS A 20 1.86 32.82 -37.68
CA HIS A 20 2.34 31.59 -37.08
C HIS A 20 1.89 31.26 -35.64
N MET A 21 1.40 30.04 -35.54
CA MET A 21 1.10 29.35 -34.28
C MET A 21 2.41 29.09 -33.54
N PRO A 22 2.32 28.48 -32.34
CA PRO A 22 3.54 28.20 -31.58
C PRO A 22 4.41 27.13 -32.25
N VAL A 23 5.72 27.36 -32.23
CA VAL A 23 6.73 26.46 -32.78
C VAL A 23 6.66 25.07 -32.13
N ARG A 24 6.26 25.03 -30.87
CA ARG A 24 6.08 23.77 -30.16
C ARG A 24 4.80 23.87 -29.33
N ALA A 25 3.97 22.84 -29.38
CA ALA A 25 2.72 22.82 -28.62
C ALA A 25 3.01 23.09 -27.16
N GLN A 26 2.24 24.01 -26.57
CA GLN A 26 2.38 24.33 -25.16
C GLN A 26 1.04 24.15 -24.45
N GLY A 27 1.10 23.93 -23.14
CA GLY A 27 -0.10 23.79 -22.34
C GLY A 27 -0.71 25.13 -21.96
N THR A 28 -1.72 25.09 -21.12
CA THR A 28 -2.49 26.27 -20.78
C THR A 28 -2.08 26.78 -19.41
N THR A 29 -2.09 28.10 -19.26
CA THR A 29 -1.75 28.71 -17.98
C THR A 29 -2.99 29.31 -17.34
N ARG A 30 -3.43 28.70 -16.24
CA ARG A 30 -4.59 29.20 -15.50
C ARG A 30 -4.21 29.93 -14.21
N ARG A 31 -4.83 31.09 -14.01
CA ARG A 31 -4.59 31.92 -12.84
C ARG A 31 -5.84 31.97 -11.96
N ILE A 32 -5.68 31.57 -10.71
CA ILE A 32 -6.81 31.62 -9.77
C ILE A 32 -6.38 32.20 -8.44
N THR A 33 -7.37 32.62 -7.67
CA THR A 33 -7.17 33.09 -6.31
C THR A 33 -7.81 32.12 -5.32
N MET A 34 -7.09 31.80 -4.25
CA MET A 34 -7.65 30.96 -3.22
C MET A 34 -7.65 31.63 -1.87
N TYR A 35 -8.81 31.68 -1.25
CA TYR A 35 -8.92 32.33 0.04
C TYR A 35 -8.87 31.26 1.10
N ALA A 36 -7.93 31.40 2.02
CA ALA A 36 -7.89 30.53 3.19
C ALA A 36 -8.64 31.27 4.31
N GLU A 37 -9.66 30.61 4.85
CA GLU A 37 -10.56 31.28 5.77
C GLU A 37 -10.87 30.44 6.99
N LYS A 38 -11.07 31.08 8.13
CA LYS A 38 -11.64 30.41 9.29
C LYS A 38 -13.15 30.29 9.15
N ILE A 39 -13.64 29.05 9.11
CA ILE A 39 -15.08 28.76 9.03
C ILE A 39 -15.80 28.76 10.38
N SER A 40 -15.14 28.18 11.37
CA SER A 40 -15.63 28.13 12.75
C SER A 40 -14.42 27.87 13.63
N ASP A 41 -14.61 27.68 14.92
CA ASP A 41 -13.49 27.46 15.84
C ASP A 41 -12.78 26.14 15.55
N GLU A 42 -13.49 25.19 14.96
CA GLU A 42 -12.91 23.90 14.61
C GLU A 42 -12.52 23.71 13.15
N LEU A 43 -12.80 24.70 12.31
CA LEU A 43 -12.74 24.46 10.87
C LEU A 43 -12.08 25.59 10.09
N TYR A 44 -11.10 25.23 9.26
CA TYR A 44 -10.49 26.16 8.32
C TYR A 44 -10.57 25.54 6.93
N GLY A 45 -10.68 26.38 5.91
CA GLY A 45 -10.79 25.86 4.56
C GLY A 45 -10.30 26.83 3.50
N TYR A 46 -10.15 26.29 2.29
CA TYR A 46 -9.78 27.07 1.12
C TYR A 46 -11.03 27.29 0.28
N GLY A 47 -11.10 28.44 -0.40
CA GLY A 47 -12.21 28.70 -1.28
C GLY A 47 -11.81 29.54 -2.48
N LEU A 48 -12.65 29.54 -3.51
CA LEU A 48 -12.38 30.28 -4.72
C LEU A 48 -12.95 31.70 -4.68
N ALA A 49 -13.77 31.98 -3.68
CA ALA A 49 -14.36 33.30 -3.56
C ALA A 49 -14.40 33.65 -2.09
N PRO A 50 -14.28 34.94 -1.76
CA PRO A 50 -14.42 35.37 -0.36
C PRO A 50 -15.71 34.79 0.24
N GLY A 51 -15.63 34.24 1.45
CA GLY A 51 -16.77 33.62 2.09
C GLY A 51 -17.11 32.27 1.51
N GLY A 52 -16.29 31.82 0.57
CA GLY A 52 -16.59 30.61 -0.18
C GLY A 52 -15.75 29.39 0.19
N ALA A 53 -15.13 29.39 1.36
CA ALA A 53 -14.32 28.24 1.78
C ALA A 53 -15.16 26.98 2.03
N THR A 54 -14.63 25.84 1.60
CA THR A 54 -15.24 24.55 1.85
C THR A 54 -14.20 23.55 2.39
N VAL A 55 -14.66 22.55 3.13
CA VAL A 55 -13.85 21.37 3.45
C VAL A 55 -14.50 20.09 2.91
N PRO A 56 -13.81 19.39 2.00
CA PRO A 56 -12.50 19.76 1.44
C PRO A 56 -12.67 20.94 0.49
N GLY A 57 -11.57 21.58 0.13
CA GLY A 57 -11.63 22.74 -0.76
C GLY A 57 -11.85 22.36 -2.21
N PRO A 58 -11.70 23.34 -3.11
CA PRO A 58 -12.00 23.13 -4.52
C PRO A 58 -11.19 21.99 -5.07
N VAL A 59 -11.77 21.26 -6.02
CA VAL A 59 -11.01 20.33 -6.81
C VAL A 59 -10.30 21.16 -7.87
N LEU A 60 -8.97 21.09 -7.89
CA LEU A 60 -8.20 21.79 -8.92
C LEU A 60 -7.83 20.77 -10.00
N GLU A 61 -7.95 21.18 -11.26
CA GLU A 61 -7.86 20.25 -12.36
C GLU A 61 -6.97 20.83 -13.43
N MET A 62 -6.07 20.01 -13.98
CA MET A 62 -5.13 20.43 -15.01
C MET A 62 -4.95 19.31 -16.00
N TRP A 63 -4.49 19.67 -17.19
CA TRP A 63 -3.89 18.70 -18.12
C TRP A 63 -2.36 18.78 -18.10
N GLU A 64 -1.70 17.65 -18.32
CA GLU A 64 -0.25 17.63 -18.39
C GLU A 64 0.21 18.72 -19.35
N GLY A 65 1.19 19.51 -18.92
CA GLY A 65 1.69 20.66 -19.66
C GLY A 65 1.15 21.96 -19.09
N ASP A 66 0.02 21.90 -18.40
CA ASP A 66 -0.60 23.12 -17.89
C ASP A 66 0.17 23.71 -16.72
N THR A 67 0.03 25.02 -16.54
CA THR A 67 0.55 25.70 -15.38
C THR A 67 -0.61 26.25 -14.57
N LEU A 68 -0.42 26.33 -13.26
CA LEU A 68 -1.41 26.89 -12.39
C LEU A 68 -0.73 27.90 -11.50
N GLU A 69 -1.19 29.14 -11.61
CA GLU A 69 -0.62 30.27 -10.91
C GLU A 69 -1.68 30.66 -9.90
N ILE A 70 -1.39 30.41 -8.62
CA ILE A 70 -2.37 30.59 -7.56
C ILE A 70 -1.98 31.69 -6.60
N ASP A 71 -2.88 32.66 -6.40
CA ASP A 71 -2.68 33.63 -5.34
C ASP A 71 -3.42 33.16 -4.13
N LEU A 72 -2.67 32.81 -3.08
CA LEU A 72 -3.31 32.43 -1.84
C LEU A 72 -3.45 33.67 -0.96
N VAL A 73 -4.69 34.03 -0.68
CA VAL A 73 -5.00 35.14 0.20
C VAL A 73 -5.34 34.58 1.58
N ASN A 74 -4.51 34.91 2.57
CA ASN A 74 -4.71 34.40 3.94
C ASN A 74 -5.54 35.41 4.71
N THR A 75 -6.79 35.04 4.98
CA THR A 75 -7.75 35.93 5.62
C THR A 75 -7.76 35.67 7.12
N THR A 76 -6.91 34.77 7.57
CA THR A 76 -6.92 34.40 8.96
C THR A 76 -5.82 35.12 9.75
N ASP A 77 -5.82 34.90 11.06
CA ASP A 77 -4.83 35.50 11.94
C ASP A 77 -3.68 34.55 12.15
N ARG A 78 -3.70 33.42 11.45
CA ARG A 78 -2.69 32.39 11.61
C ARG A 78 -1.77 32.28 10.39
N VAL A 79 -0.53 31.84 10.64
CA VAL A 79 0.38 31.45 9.57
C VAL A 79 -0.10 30.14 8.97
N LEU A 80 -0.17 30.09 7.65
CA LEU A 80 -0.57 28.87 6.97
C LEU A 80 0.01 28.90 5.57
N SER A 81 -0.22 27.84 4.82
CA SER A 81 0.34 27.79 3.49
C SER A 81 -0.44 26.87 2.57
N LEU A 82 0.12 26.65 1.40
CA LEU A 82 -0.47 25.76 0.43
C LEU A 82 0.71 24.97 -0.17
N HIS A 83 0.62 23.64 -0.12
CA HIS A 83 1.66 22.84 -0.72
C HIS A 83 1.01 21.70 -1.47
N PRO A 84 1.47 21.42 -2.71
CA PRO A 84 0.89 20.29 -3.47
C PRO A 84 1.70 18.99 -3.46
N HIS A 85 1.11 17.94 -4.04
CA HIS A 85 1.84 16.73 -4.39
C HIS A 85 1.89 16.61 -5.92
N GLY A 86 2.99 16.06 -6.41
CA GLY A 86 3.09 15.48 -7.75
C GLY A 86 3.39 16.46 -8.87
N VAL A 87 2.96 17.72 -8.74
CA VAL A 87 3.18 18.70 -9.79
C VAL A 87 4.60 19.28 -9.64
N ASP A 88 4.98 20.14 -10.57
CA ASP A 88 6.33 20.69 -10.56
C ASP A 88 6.31 22.06 -9.92
N TYR A 89 7.00 22.18 -8.79
CA TYR A 89 7.11 23.47 -8.12
C TYR A 89 8.57 23.67 -7.67
N ASP A 90 9.05 24.91 -7.62
CA ASP A 90 10.37 25.12 -7.03
C ASP A 90 10.23 25.39 -5.54
N VAL A 91 11.35 25.55 -4.84
CA VAL A 91 11.31 25.64 -3.39
C VAL A 91 10.48 26.85 -2.95
N ASN A 92 10.48 27.89 -3.77
CA ASN A 92 9.79 29.11 -3.39
C ASN A 92 8.28 28.93 -3.44
N SER A 93 7.83 27.90 -4.14
CA SER A 93 6.45 27.43 -4.08
C SER A 93 6.12 26.23 -3.17
N ASP A 94 7.08 25.72 -2.39
CA ASP A 94 6.79 24.47 -1.66
C ASP A 94 5.90 24.55 -0.43
N GLY A 95 5.58 25.76 0.03
CA GLY A 95 4.61 25.97 1.08
C GLY A 95 5.07 25.74 2.51
N THR A 96 6.37 25.88 2.73
CA THR A 96 6.95 25.66 4.05
C THR A 96 7.59 26.94 4.56
N LEU A 97 7.50 27.16 5.87
CA LEU A 97 8.17 28.28 6.51
C LEU A 97 9.66 28.17 6.24
N MET A 98 10.16 26.94 6.37
CA MET A 98 11.56 26.64 6.22
C MET A 98 12.18 27.22 4.93
N ASN A 99 11.43 27.14 3.84
CA ASN A 99 11.83 27.70 2.56
C ASN A 99 11.31 29.13 2.30
N GLY A 100 10.73 29.75 3.33
CA GLY A 100 10.22 31.10 3.22
C GLY A 100 9.01 31.12 2.31
N SER A 101 8.35 29.97 2.25
CA SER A 101 7.21 29.72 1.35
C SER A 101 5.80 29.82 1.97
N ALA A 102 5.72 30.16 3.25
CA ALA A 102 4.42 30.22 3.94
C ALA A 102 3.75 31.58 3.79
N VAL A 103 2.54 31.72 4.33
CA VAL A 103 1.83 32.98 4.18
C VAL A 103 1.39 33.56 5.51
N MET A 104 1.93 34.74 5.82
CA MET A 104 1.67 35.46 7.06
C MET A 104 0.24 35.97 7.14
N PRO A 105 -0.25 36.17 8.37
CA PRO A 105 -1.64 36.58 8.56
C PRO A 105 -1.98 37.77 7.67
N GLY A 106 -3.14 37.70 7.02
CA GLY A 106 -3.68 38.79 6.24
C GLY A 106 -2.98 39.03 4.91
N GLN A 107 -1.95 38.24 4.59
CA GLN A 107 -1.16 38.53 3.40
C GLN A 107 -1.55 37.67 2.20
N THR A 108 -0.91 37.97 1.07
CA THR A 108 -1.14 37.21 -0.15
C THR A 108 0.18 36.70 -0.70
N ARG A 109 0.28 35.39 -0.89
CA ARG A 109 1.42 34.80 -1.57
C ARG A 109 1.06 34.20 -2.93
N ARG A 110 1.97 34.34 -3.89
CA ARG A 110 1.76 33.80 -5.21
C ARG A 110 2.48 32.45 -5.39
N TYR A 111 1.71 31.40 -5.63
CA TYR A 111 2.28 30.07 -5.88
C TYR A 111 2.24 29.66 -7.36
N THR A 112 3.25 28.93 -7.78
CA THR A 112 3.27 28.39 -9.15
C THR A 112 3.47 26.87 -9.21
N TRP A 113 2.55 26.20 -9.89
CA TRP A 113 2.60 24.76 -10.05
C TRP A 113 2.67 24.40 -11.53
N ARG A 114 3.77 23.81 -11.99
CA ARG A 114 3.87 23.40 -13.38
CA ARG A 114 3.81 23.40 -13.39
C ARG A 114 3.57 21.91 -13.52
N SER A 115 3.47 21.45 -14.77
CA SER A 115 3.27 20.04 -15.08
C SER A 115 3.77 19.80 -16.49
N HIS A 116 4.02 18.53 -16.85
CA HIS A 116 4.59 18.22 -18.16
C HIS A 116 4.02 16.93 -18.72
N VAL A 117 4.09 16.79 -20.05
CA VAL A 117 3.86 15.50 -20.68
C VAL A 117 5.13 14.69 -20.54
N GLY A 118 5.02 13.37 -20.62
CA GLY A 118 6.20 12.52 -20.62
C GLY A 118 7.19 12.96 -21.70
N TYR A 119 8.48 12.79 -21.41
CA TYR A 119 9.53 13.07 -22.38
C TYR A 119 10.72 12.13 -22.22
N ARG A 120 11.45 11.93 -23.30
CA ARG A 120 12.66 11.14 -23.31
C ARG A 120 13.84 11.99 -22.83
N ARG A 121 14.61 11.47 -21.86
CA ARG A 121 15.81 12.16 -21.37
C ARG A 121 16.99 11.94 -22.31
N ALA A 122 17.95 12.87 -22.27
CA ALA A 122 19.21 12.75 -23.00
C ALA A 122 19.92 11.45 -22.65
N ASP A 123 19.64 10.91 -21.46
CA ASP A 123 20.23 9.63 -21.07
C ASP A 123 19.39 8.43 -21.55
N GLY A 124 18.29 8.69 -22.23
CA GLY A 124 17.56 7.62 -22.89
C GLY A 124 16.37 7.06 -22.11
N SER A 125 16.39 7.26 -20.79
CA SER A 125 15.26 6.97 -19.92
C SER A 125 14.08 7.91 -20.17
N TRP A 126 12.90 7.48 -19.69
CA TRP A 126 11.66 8.23 -19.87
C TRP A 126 11.24 8.98 -18.58
N ALA A 127 11.02 10.28 -18.71
CA ALA A 127 10.46 11.06 -17.61
C ALA A 127 8.94 10.96 -17.72
N GLU A 128 8.32 10.42 -16.68
CA GLU A 128 6.88 10.24 -16.70
C GLU A 128 6.19 11.61 -16.67
N GLY A 129 5.07 11.72 -17.39
CA GLY A 129 4.26 12.92 -17.30
C GLY A 129 3.63 13.05 -15.91
N THR A 130 3.13 14.24 -15.62
CA THR A 130 2.64 14.53 -14.29
C THR A 130 1.34 13.77 -13.88
N ALA A 131 0.61 13.20 -14.85
CA ALA A 131 -0.78 12.83 -14.57
C ALA A 131 -0.98 11.92 -13.34
N GLY A 132 -2.06 12.17 -12.62
CA GLY A 132 -2.48 11.26 -11.56
C GLY A 132 -3.42 11.95 -10.61
N TYR A 133 -3.88 11.23 -9.59
CA TYR A 133 -4.74 11.83 -8.59
C TYR A 133 -3.87 12.33 -7.44
N TRP A 134 -3.72 13.65 -7.35
CA TRP A 134 -2.85 14.27 -6.39
C TRP A 134 -3.73 15.11 -5.45
N HIS A 135 -3.10 15.85 -4.55
CA HIS A 135 -3.86 16.63 -3.60
C HIS A 135 -2.99 17.78 -3.11
N TYR A 136 -3.64 18.75 -2.48
CA TYR A 136 -2.92 19.87 -1.92
C TYR A 136 -3.41 20.13 -0.48
N HIS A 137 -2.61 20.84 0.29
CA HIS A 137 -2.94 21.07 1.67
C HIS A 137 -1.88 21.92 2.34
N ASP A 138 -2.27 22.50 3.47
CA ASP A 138 -1.43 23.36 4.27
C ASP A 138 -0.17 22.68 4.80
N HIS A 139 0.99 23.29 4.57
CA HIS A 139 2.21 22.90 5.28
C HIS A 139 2.69 23.79 6.43
N ALA A 140 2.07 24.95 6.66
CA ALA A 140 2.58 25.86 7.70
C ALA A 140 1.89 26.03 9.06
N MET A 141 0.72 25.44 9.24
CA MET A 141 -0.09 25.86 10.37
C MET A 141 0.04 24.93 11.57
N GLY A 142 0.59 25.50 12.62
CA GLY A 142 0.77 24.89 13.92
C GLY A 142 2.09 24.15 14.04
N THR A 143 2.62 23.66 12.90
CA THR A 143 3.93 23.01 12.83
C THR A 143 4.48 23.13 11.41
N GLU A 144 5.79 22.91 11.27
CA GLU A 144 6.45 22.96 9.96
C GLU A 144 5.76 22.02 9.00
N HIS A 145 5.01 21.06 9.55
CA HIS A 145 4.22 20.09 8.78
C HIS A 145 2.72 20.36 8.61
N GLY A 146 2.26 21.52 9.09
CA GLY A 146 0.87 21.92 8.93
C GLY A 146 -0.13 20.99 9.61
N THR A 147 0.29 20.39 10.71
CA THR A 147 -0.55 19.43 11.43
C THR A 147 -1.94 20.01 11.75
N GLU A 148 -1.94 21.23 12.29
CA GLU A 148 -3.17 21.91 12.67
C GLU A 148 -3.99 22.30 11.45
N GLY A 149 -3.32 22.77 10.40
CA GLY A 149 -4.00 23.14 9.18
C GLY A 149 -4.76 21.95 8.64
N VAL A 150 -4.04 20.83 8.47
CA VAL A 150 -4.63 19.62 7.94
C VAL A 150 -5.76 19.10 8.85
N LEU A 151 -5.50 19.00 10.16
CA LEU A 151 -6.52 18.59 11.11
C LEU A 151 -7.82 19.36 10.91
N LYS A 152 -7.69 20.67 10.69
CA LYS A 152 -8.85 21.56 10.66
C LYS A 152 -9.46 21.78 9.30
N GLY A 153 -8.94 21.06 8.30
CA GLY A 153 -9.60 21.03 7.01
C GLY A 153 -8.95 21.77 5.86
N LEU A 154 -7.71 22.25 5.98
CA LEU A 154 -7.18 22.87 4.77
C LEU A 154 -6.43 21.78 3.99
N TYR A 155 -7.16 21.26 3.02
CA TYR A 155 -6.71 20.23 2.11
C TYR A 155 -7.69 20.21 0.94
N GLY A 156 -7.25 19.67 -0.20
CA GLY A 156 -8.11 19.46 -1.34
C GLY A 156 -7.46 18.55 -2.36
N ALA A 157 -8.26 18.05 -3.31
CA ALA A 157 -7.79 17.23 -4.41
C ALA A 157 -7.22 18.05 -5.56
N LEU A 158 -6.17 17.52 -6.18
CA LEU A 158 -5.57 18.07 -7.37
C LEU A 158 -5.48 16.96 -8.42
N VAL A 159 -6.25 17.11 -9.47
CA VAL A 159 -6.38 16.07 -10.48
C VAL A 159 -5.62 16.54 -11.70
N VAL A 160 -4.57 15.80 -12.08
CA VAL A 160 -3.81 16.08 -13.30
C VAL A 160 -4.03 14.99 -14.33
N ARG A 161 -4.62 15.37 -15.46
CA ARG A 161 -5.10 14.42 -16.48
C ARG A 161 -4.13 14.32 -17.66
N ARG A 162 -4.06 13.13 -18.25
CA ARG A 162 -3.33 12.91 -19.49
C ARG A 162 -4.33 12.85 -20.67
N GLN A 163 -3.92 13.38 -21.83
CA GLN A 163 -4.81 13.45 -22.98
C GLN A 163 -5.43 12.09 -23.28
N GLY A 164 -6.72 12.08 -23.59
CA GLY A 164 -7.45 10.84 -23.83
C GLY A 164 -8.07 10.20 -22.60
N ASP A 165 -7.73 10.71 -21.41
CA ASP A 165 -8.36 10.18 -20.20
C ASP A 165 -9.85 10.39 -20.36
N LEU A 166 -10.65 9.40 -19.94
CA LEU A 166 -12.10 9.53 -19.91
C LEU A 166 -12.56 10.44 -18.76
N LEU A 167 -13.59 11.24 -19.02
CA LEU A 167 -14.09 12.25 -18.08
C LEU A 167 -15.36 11.87 -17.31
N PRO A 168 -15.37 12.11 -15.98
CA PRO A 168 -16.51 11.76 -15.14
C PRO A 168 -17.72 12.69 -15.33
N LYS A 169 -18.90 12.11 -15.12
CA LYS A 169 -20.15 12.85 -14.96
C LYS A 169 -20.30 13.36 -13.53
N ARG A 170 -19.91 12.55 -12.55
CA ARG A 170 -19.90 12.98 -11.17
C ARG A 170 -18.50 12.81 -10.59
N GLN A 171 -18.19 13.62 -9.58
CA GLN A 171 -16.87 13.59 -8.97
C GLN A 171 -16.93 13.76 -7.44
N PHE A 172 -16.30 12.82 -6.74
CA PHE A 172 -16.39 12.81 -5.29
C PHE A 172 -15.00 12.90 -4.68
N THR A 173 -14.78 13.85 -3.76
CA THR A 173 -13.54 13.84 -2.98
C THR A 173 -13.79 13.28 -1.58
N VAL A 174 -13.10 12.19 -1.28
CA VAL A 174 -13.23 11.53 0.00
C VAL A 174 -11.92 11.56 0.75
N VAL A 175 -11.89 12.31 1.85
CA VAL A 175 -10.68 12.48 2.63
C VAL A 175 -10.85 11.82 3.98
N PHE A 176 -10.00 10.84 4.29
CA PHE A 176 -10.00 10.26 5.61
C PHE A 176 -8.97 11.04 6.41
N ASN A 177 -9.44 11.87 7.33
CA ASN A 177 -8.57 12.73 8.12
C ASN A 177 -8.69 12.31 9.55
N ASP A 178 -7.66 11.65 10.04
CA ASP A 178 -7.78 10.94 11.30
C ASP A 178 -9.06 10.15 11.26
N MET A 179 -9.93 10.38 12.25
CA MET A 179 -11.15 9.61 12.43
C MET A 179 -12.40 10.18 11.72
N MET A 180 -12.19 11.21 10.91
CA MET A 180 -13.28 11.91 10.22
C MET A 180 -13.27 11.68 8.72
N ILE A 181 -14.44 11.71 8.09
CA ILE A 181 -14.46 11.78 6.64
C ILE A 181 -14.79 13.20 6.25
N ASN A 182 -13.88 13.85 5.53
CA ASN A 182 -14.02 15.26 5.20
C ASN A 182 -14.38 16.08 6.43
N ASN A 183 -13.75 15.75 7.56
CA ASN A 183 -14.01 16.48 8.80
C ASN A 183 -15.47 16.54 9.22
N ARG A 184 -16.26 15.52 8.88
CA ARG A 184 -17.64 15.58 9.32
C ARG A 184 -17.64 14.86 10.64
N ALA A 185 -17.79 15.65 11.70
CA ALA A 185 -17.74 15.13 13.05
C ALA A 185 -19.06 14.92 13.77
N HIS A 186 -20.19 15.29 13.18
CA HIS A 186 -21.43 14.88 13.84
C HIS A 186 -22.20 13.92 12.97
N HIS A 187 -22.13 12.63 13.30
CA HIS A 187 -22.70 11.63 12.42
C HIS A 187 -22.29 12.06 11.01
N ASP A 188 -23.27 12.24 10.14
CA ASP A 188 -23.18 13.09 8.94
C ASP A 188 -21.96 12.98 8.02
N ALA A 189 -21.43 11.78 7.86
CA ALA A 189 -20.44 11.55 6.83
C ALA A 189 -21.13 11.70 5.47
N PRO A 190 -20.50 12.37 4.51
CA PRO A 190 -21.20 12.79 3.29
C PRO A 190 -21.85 11.66 2.48
N THR A 191 -23.07 11.92 2.02
CA THR A 191 -23.72 11.06 1.04
C THR A 191 -23.32 11.56 -0.35
N PHE A 192 -22.74 10.68 -1.15
CA PHE A 192 -22.43 10.99 -2.55
C PHE A 192 -23.44 10.37 -3.52
N GLU A 193 -23.80 11.11 -4.56
CA GLU A 193 -24.90 10.71 -5.44
C GLU A 193 -24.55 10.60 -6.91
N ALA A 194 -25.15 9.60 -7.52
CA ALA A 194 -25.05 9.37 -8.95
C ALA A 194 -26.33 8.71 -9.40
N ASN A 195 -26.61 8.84 -10.70
CA ASN A 195 -27.68 8.08 -11.32
C ASN A 195 -27.09 6.82 -11.95
N LEU A 196 -27.86 5.73 -11.93
CA LEU A 196 -27.40 4.43 -12.44
C LEU A 196 -26.84 4.56 -13.85
N GLY A 197 -25.70 3.93 -14.09
CA GLY A 197 -25.03 4.05 -15.38
C GLY A 197 -24.06 5.22 -15.55
N GLU A 198 -24.06 6.19 -14.64
CA GLU A 198 -23.16 7.33 -14.82
C GLU A 198 -21.69 7.00 -14.52
N ARG A 199 -20.78 7.61 -15.28
CA ARG A 199 -19.37 7.50 -14.97
C ARG A 199 -19.06 8.42 -13.79
N VAL A 200 -18.53 7.82 -12.74
CA VAL A 200 -18.36 8.49 -11.47
C VAL A 200 -16.89 8.45 -11.09
N GLU A 201 -16.36 9.57 -10.63
CA GLU A 201 -14.96 9.60 -10.22
C GLU A 201 -14.76 9.82 -8.72
N TRP A 202 -14.00 8.92 -8.10
CA TRP A 202 -13.67 9.02 -6.70
C TRP A 202 -12.21 9.47 -6.53
N ILE A 203 -11.97 10.41 -5.64
CA ILE A 203 -10.61 10.82 -5.30
C ILE A 203 -10.44 10.65 -3.81
N ALA A 204 -9.49 9.80 -3.43
CA ALA A 204 -9.29 9.44 -2.03
C ALA A 204 -7.97 9.97 -1.50
N ILE A 205 -8.06 10.69 -0.37
CA ILE A 205 -6.90 11.32 0.23
C ILE A 205 -6.90 10.99 1.72
N GLY A 206 -5.80 10.42 2.20
CA GLY A 206 -5.64 10.23 3.64
C GLY A 206 -4.88 11.36 4.26
N HIS A 207 -5.19 11.65 5.53
CA HIS A 207 -4.49 12.67 6.27
C HIS A 207 -4.49 12.38 7.77
N GLY A 208 -3.56 13.00 8.49
CA GLY A 208 -3.49 12.86 9.92
C GLY A 208 -2.54 11.83 10.47
N SER A 209 -2.86 11.34 11.66
CA SER A 209 -2.09 10.32 12.37
C SER A 209 -2.57 8.86 12.38
N ASN A 210 -3.65 8.57 11.67
CA ASN A 210 -4.26 7.24 11.75
C ASN A 210 -4.21 6.50 10.42
N PHE A 211 -4.32 5.17 10.47
CA PHE A 211 -4.23 4.34 9.27
C PHE A 211 -5.62 3.85 8.86
N HIS A 212 -5.84 3.71 7.55
CA HIS A 212 -7.18 3.38 7.06
C HIS A 212 -7.15 2.45 5.88
N THR A 213 -8.27 1.79 5.65
CA THR A 213 -8.53 1.12 4.40
C THR A 213 -9.89 1.59 3.84
N PHE A 214 -9.83 2.28 2.68
CA PHE A 214 -11.05 2.73 1.99
C PHE A 214 -11.70 1.57 1.27
N HIS A 215 -12.96 1.30 1.59
CA HIS A 215 -13.68 0.23 0.93
C HIS A 215 -15.02 0.71 0.39
N LEU A 216 -15.39 0.22 -0.79
CA LEU A 216 -16.65 0.65 -1.43
C LEU A 216 -17.55 -0.57 -1.75
N HIS A 217 -18.73 -0.64 -1.14
CA HIS A 217 -19.65 -1.76 -1.43
C HIS A 217 -20.08 -1.78 -2.89
N GLY A 218 -20.19 -2.98 -3.44
CA GLY A 218 -20.80 -3.20 -4.74
C GLY A 218 -20.09 -2.67 -5.97
N HIS A 219 -18.94 -2.03 -5.79
CA HIS A 219 -18.18 -1.49 -6.92
C HIS A 219 -16.72 -1.89 -6.80
N ARG A 220 -16.00 -1.89 -7.93
CA ARG A 220 -14.59 -2.28 -7.93
C ARG A 220 -13.76 -1.57 -9.01
N TRP A 221 -12.45 -1.60 -8.88
CA TRP A 221 -11.62 -0.90 -9.85
C TRP A 221 -10.24 -1.56 -9.99
N LEU A 222 -9.62 -1.41 -11.15
CA LEU A 222 -8.24 -1.90 -11.37
C LEU A 222 -7.29 -1.05 -10.55
N ASP A 223 -6.23 -1.64 -9.99
CA ASP A 223 -5.39 -0.80 -9.15
C ASP A 223 -4.21 -0.34 -10.00
N ASN A 224 -4.36 0.89 -10.46
CA ASN A 224 -3.46 1.55 -11.39
C ASN A 224 -3.90 3.00 -11.39
N ARG A 225 -3.30 3.83 -12.23
CA ARG A 225 -3.54 5.28 -12.20
C ARG A 225 -5.01 5.63 -12.32
N THR A 226 -5.66 5.11 -13.34
CA THR A 226 -7.05 5.48 -13.63
C THR A 226 -8.12 4.57 -13.05
N GLY A 227 -7.70 3.40 -12.55
CA GLY A 227 -8.65 2.38 -12.14
C GLY A 227 -9.27 1.57 -13.27
N MET A 228 -8.78 1.73 -14.51
CA MET A 228 -9.27 0.92 -15.63
C MET A 228 -8.17 0.36 -16.53
N ARG A 229 -8.52 -0.65 -17.34
CA ARG A 229 -7.51 -1.37 -18.11
C ARG A 229 -6.91 -0.52 -19.23
N THR A 230 -5.59 -0.38 -19.16
CA THR A 230 -4.82 0.42 -20.10
C THR A 230 -4.50 -0.32 -21.40
N SER A 231 -4.18 -1.61 -21.28
CA SER A 231 -3.94 -2.49 -22.43
C SER A 231 -4.08 -3.94 -22.00
N GLU A 232 -3.95 -4.85 -22.96
CA GLU A 232 -4.14 -6.26 -22.68
C GLU A 232 -2.98 -6.83 -21.89
N TYR A 233 -1.95 -6.01 -21.67
CA TYR A 233 -0.80 -6.41 -20.83
C TYR A 233 -0.89 -6.01 -19.35
N ASP A 234 -1.88 -5.18 -19.01
CA ASP A 234 -1.98 -4.65 -17.65
C ASP A 234 -2.27 -5.79 -16.66
N PRO A 235 -1.28 -6.08 -15.77
CA PRO A 235 -1.26 -7.04 -14.67
C PRO A 235 -2.07 -6.67 -13.41
N SER A 236 -2.43 -5.38 -13.26
CA SER A 236 -3.02 -4.88 -12.01
C SER A 236 -4.19 -5.71 -11.51
N PRO A 237 -4.17 -6.06 -10.22
CA PRO A 237 -5.33 -6.78 -9.67
C PRO A 237 -6.56 -5.90 -9.66
N LEU A 238 -7.74 -6.52 -9.78
CA LEU A 238 -8.99 -5.82 -9.54
C LEU A 238 -9.23 -5.76 -8.02
N ILE A 239 -9.67 -4.63 -7.49
CA ILE A 239 -9.88 -4.44 -6.05
C ILE A 239 -11.12 -3.62 -5.70
N ASP A 240 -11.75 -3.93 -4.58
CA ASP A 240 -12.72 -3.03 -3.95
C ASP A 240 -12.21 -2.25 -2.71
N ILE A 241 -10.95 -2.43 -2.36
CA ILE A 241 -10.47 -1.82 -1.12
C ILE A 241 -9.02 -1.45 -1.21
N LYS A 242 -8.65 -0.32 -0.59
CA LYS A 242 -7.26 0.11 -0.66
C LYS A 242 -6.81 0.90 0.57
N ASP A 243 -5.55 0.68 0.98
CA ASP A 243 -4.96 1.43 2.10
C ASP A 243 -5.06 2.91 1.82
N LEU A 244 -5.56 3.71 2.76
CA LEU A 244 -5.41 5.14 2.56
C LEU A 244 -4.81 5.74 3.82
N ASN A 245 -3.51 5.97 3.76
CA ASN A 245 -2.80 6.42 4.94
C ASN A 245 -2.41 7.88 4.78
N PRO A 246 -1.81 8.48 5.82
CA PRO A 246 -1.60 9.94 5.74
C PRO A 246 -0.69 10.36 4.59
N GLY A 247 -1.11 11.38 3.83
CA GLY A 247 -0.36 11.84 2.67
C GLY A 247 -0.70 11.13 1.36
N VAL A 248 -1.31 9.96 1.44
CA VAL A 248 -1.61 9.14 0.27
C VAL A 248 -2.88 9.55 -0.48
N SER A 249 -2.78 9.69 -1.79
CA SER A 249 -3.98 9.87 -2.59
C SER A 249 -4.03 8.83 -3.71
N PHE A 250 -5.21 8.57 -4.24
CA PHE A 250 -5.37 7.81 -5.47
C PHE A 250 -6.77 8.12 -5.96
N GLY A 251 -7.13 7.58 -7.11
CA GLY A 251 -8.43 7.86 -7.71
C GLY A 251 -8.79 6.82 -8.75
N PHE A 252 -10.08 6.74 -9.04
CA PHE A 252 -10.53 5.79 -10.03
C PHE A 252 -11.90 6.19 -10.51
N GLN A 253 -12.42 5.48 -11.50
CA GLN A 253 -13.75 5.76 -12.01
C GLN A 253 -14.55 4.48 -12.01
N VAL A 254 -15.85 4.59 -11.91
CA VAL A 254 -16.71 3.43 -12.02
C VAL A 254 -17.99 3.81 -12.72
N ILE A 255 -18.66 2.82 -13.27
CA ILE A 255 -20.01 3.02 -13.77
C ILE A 255 -20.99 2.66 -12.62
N ALA A 256 -21.74 3.66 -12.16
CA ALA A 256 -22.57 3.49 -10.98
C ALA A 256 -23.56 2.33 -11.10
N GLY A 257 -23.55 1.45 -10.10
CA GLY A 257 -24.47 0.33 -10.07
C GLY A 257 -24.24 -0.69 -11.18
N GLU A 258 -23.10 -0.61 -11.85
CA GLU A 258 -22.82 -1.55 -12.94
C GLU A 258 -22.88 -3.00 -12.45
N GLY A 259 -23.74 -3.81 -13.11
CA GLY A 259 -23.93 -5.22 -12.79
C GLY A 259 -24.48 -5.54 -11.42
N VAL A 260 -24.90 -4.50 -10.71
CA VAL A 260 -25.25 -4.51 -9.28
C VAL A 260 -26.63 -3.87 -9.04
N GLY A 261 -26.79 -2.68 -9.59
CA GLY A 261 -28.08 -1.99 -9.65
C GLY A 261 -28.10 -0.81 -8.70
N PRO A 262 -29.22 -0.08 -8.67
CA PRO A 262 -29.34 1.10 -7.80
C PRO A 262 -29.53 0.72 -6.32
N GLY A 263 -29.29 1.68 -5.43
CA GLY A 263 -29.55 1.50 -4.01
C GLY A 263 -28.56 2.26 -3.17
N MET A 264 -28.58 2.03 -1.86
CA MET A 264 -27.65 2.70 -0.98
CA MET A 264 -27.67 2.69 -0.95
C MET A 264 -26.45 1.80 -0.81
N TRP A 265 -25.34 2.23 -1.40
CA TRP A 265 -24.12 1.46 -1.42
C TRP A 265 -23.16 2.12 -0.47
N MET A 266 -22.84 1.41 0.60
CA MET A 266 -21.99 1.93 1.64
C MET A 266 -20.57 2.07 1.13
N TYR A 267 -19.90 3.13 1.54
CA TYR A 267 -18.44 3.22 1.45
C TYR A 267 -17.96 3.48 2.87
N HIS A 268 -16.87 2.84 3.28
CA HIS A 268 -16.38 3.04 4.64
C HIS A 268 -14.91 2.67 4.83
N CYS A 269 -14.29 3.19 5.89
CA CYS A 269 -13.05 2.59 6.35
C CYS A 269 -13.33 1.17 6.84
N HIS A 270 -12.45 0.24 6.51
CA HIS A 270 -12.70 -1.15 6.89
C HIS A 270 -12.07 -1.51 8.24
N VAL A 271 -11.26 -0.62 8.78
CA VAL A 271 -10.79 -0.82 10.15
C VAL A 271 -12.04 -0.88 11.06
N GLN A 272 -12.19 -1.97 11.80
CA GLN A 272 -13.48 -2.24 12.44
C GLN A 272 -13.87 -1.16 13.44
N ASN A 273 -12.95 -0.80 14.31
CA ASN A 273 -13.28 0.20 15.30
C ASN A 273 -13.49 1.59 14.70
N HIS A 274 -12.94 1.82 13.52
CA HIS A 274 -13.16 3.08 12.81
C HIS A 274 -14.57 3.14 12.19
N SER A 275 -14.95 2.09 11.47
CA SER A 275 -16.30 2.09 10.89
C SER A 275 -17.38 2.19 11.98
N ASP A 276 -17.17 1.50 13.10
CA ASP A 276 -18.10 1.56 14.23
C ASP A 276 -18.19 2.96 14.88
N MET A 277 -17.13 3.76 14.74
CA MET A 277 -17.12 5.11 15.30
C MET A 277 -17.80 6.08 14.36
N GLY A 278 -18.26 5.59 13.22
CA GLY A 278 -18.78 6.49 12.22
C GLY A 278 -17.96 6.83 10.98
N MET A 279 -16.90 6.10 10.61
CA MET A 279 -16.37 6.49 9.31
C MET A 279 -16.99 5.53 8.31
N ALA A 280 -18.14 5.97 7.80
CA ALA A 280 -18.89 5.27 6.79
C ALA A 280 -19.80 6.31 6.19
N GLY A 281 -20.17 6.14 4.93
CA GLY A 281 -21.10 7.07 4.32
C GLY A 281 -21.86 6.33 3.24
N MET A 282 -22.77 7.02 2.57
CA MET A 282 -23.51 6.36 1.51
C MET A 282 -23.11 6.82 0.12
N PHE A 283 -22.98 5.85 -0.77
CA PHE A 283 -22.91 6.09 -2.19
C PHE A 283 -24.34 5.75 -2.63
N LEU A 284 -25.08 6.78 -3.00
CA LEU A 284 -26.48 6.60 -3.38
C LEU A 284 -26.62 6.52 -4.90
N VAL A 285 -26.96 5.34 -5.38
CA VAL A 285 -27.16 5.17 -6.80
C VAL A 285 -28.66 5.19 -7.07
N ARG A 286 -29.12 6.25 -7.72
CA ARG A 286 -30.53 6.38 -8.05
C ARG A 286 -30.80 5.57 -9.30
N ASN A 287 -32.06 5.53 -9.72
CA ASN A 287 -32.41 4.96 -11.02
C ASN A 287 -31.84 5.84 -12.13
N ALA A 288 -31.74 5.28 -13.33
CA ALA A 288 -31.21 6.01 -14.50
C ALA A 288 -31.85 7.39 -14.68
N ASP A 289 -33.18 7.42 -14.62
CA ASP A 289 -33.96 8.64 -14.78
C ASP A 289 -33.83 9.61 -13.60
N GLY A 290 -33.13 9.18 -12.55
CA GLY A 290 -32.83 10.08 -11.44
C GLY A 290 -33.78 9.96 -10.26
N THR A 291 -34.51 8.86 -10.21
CA THR A 291 -35.51 8.65 -9.17
C THR A 291 -34.97 7.73 -8.08
N MET A 292 -35.41 7.96 -6.85
CA MET A 292 -35.01 7.16 -5.70
C MET A 292 -35.39 5.68 -5.84
N PRO A 293 -34.43 4.78 -5.53
CA PRO A 293 -34.68 3.35 -5.39
C PRO A 293 -35.44 3.05 -4.09
N ALA A 294 -35.98 1.85 -3.96
CA ALA A 294 -36.73 1.49 -2.75
C ALA A 294 -35.94 1.79 -1.48
N GLY A 295 -36.62 2.34 -0.49
CA GLY A 295 -36.02 2.61 0.81
C GLY A 295 -35.61 4.07 1.02
N VAL A 296 -35.45 4.80 -0.08
CA VAL A 296 -35.00 6.19 0.03
C VAL A 296 -36.08 7.16 -0.40
N HIS A 297 -36.28 8.20 0.43
CA HIS A 297 -37.24 9.25 0.13
C HIS A 297 -36.47 10.54 -0.10
N GLU A 298 -37.02 11.41 -0.92
CA GLU A 298 -36.38 12.69 -1.17
C GLU A 298 -37.31 13.82 -0.71
N HIS A 299 -36.71 14.96 -0.39
CA HIS A 299 -37.46 16.07 0.15
C HIS A 299 -36.62 17.34 0.19
N GLY B 27 26.60 -15.89 -13.55
CA GLY B 27 26.78 -15.18 -12.29
C GLY B 27 28.15 -15.41 -11.67
N THR B 28 28.49 -14.58 -10.70
CA THR B 28 29.77 -14.65 -10.01
C THR B 28 29.62 -14.98 -8.52
N THR B 29 30.65 -15.59 -7.94
CA THR B 29 30.68 -15.80 -6.49
C THR B 29 31.63 -14.84 -5.75
N ARG B 30 31.04 -14.07 -4.83
CA ARG B 30 31.75 -13.10 -4.01
C ARG B 30 31.71 -13.47 -2.53
N ARG B 31 32.84 -13.26 -1.85
CA ARG B 31 32.99 -13.59 -0.43
CA ARG B 31 32.93 -13.57 -0.44
C ARG B 31 33.30 -12.33 0.38
N ILE B 32 32.55 -12.10 1.44
CA ILE B 32 32.79 -10.94 2.28
C ILE B 32 32.71 -11.30 3.75
N THR B 33 33.45 -10.55 4.55
CA THR B 33 33.39 -10.67 5.99
C THR B 33 32.62 -9.49 6.51
N MET B 34 31.65 -9.77 7.37
CA MET B 34 30.87 -8.71 7.95
C MET B 34 30.95 -8.75 9.47
N TYR B 35 31.24 -7.61 10.07
CA TYR B 35 31.40 -7.53 11.52
C TYR B 35 30.16 -6.95 12.19
N ALA B 36 29.71 -7.60 13.25
CA ALA B 36 28.61 -7.10 14.07
C ALA B 36 29.20 -6.56 15.37
N GLU B 37 28.94 -5.28 15.64
CA GLU B 37 29.67 -4.56 16.65
C GLU B 37 28.75 -3.70 17.48
N LYS B 38 29.09 -3.56 18.75
CA LYS B 38 28.38 -2.65 19.61
C LYS B 38 29.02 -1.30 19.40
N ILE B 39 28.25 -0.35 18.88
CA ILE B 39 28.72 1.01 18.69
C ILE B 39 28.63 1.78 19.99
N SER B 40 27.52 1.60 20.69
CA SER B 40 27.28 2.24 21.96
C SER B 40 26.19 1.50 22.73
N ASP B 41 25.84 2.03 23.88
CA ASP B 41 24.85 1.40 24.73
C ASP B 41 23.61 1.06 23.90
N GLU B 42 23.19 2.01 23.09
CA GLU B 42 21.94 1.88 22.34
C GLU B 42 22.08 1.40 20.90
N LEU B 43 23.30 1.16 20.44
CA LEU B 43 23.53 1.02 19.00
C LEU B 43 24.44 -0.16 18.64
N TYR B 44 23.89 -1.09 17.86
CA TYR B 44 24.63 -2.25 17.35
C TYR B 44 24.63 -2.16 15.82
N GLY B 45 25.75 -2.43 15.17
CA GLY B 45 25.76 -2.31 13.71
C GLY B 45 26.68 -3.25 12.97
N TYR B 46 26.49 -3.33 11.64
CA TYR B 46 27.28 -4.22 10.79
C TYR B 46 28.31 -3.40 10.03
N GLY B 47 29.47 -3.99 9.75
CA GLY B 47 30.49 -3.27 9.01
C GLY B 47 31.38 -4.16 8.19
N LEU B 48 32.03 -3.59 7.19
CA LEU B 48 32.87 -4.37 6.28
C LEU B 48 34.31 -4.48 6.76
N ALA B 49 34.63 -3.72 7.81
CA ALA B 49 35.95 -3.81 8.42
C ALA B 49 35.83 -3.71 9.94
N PRO B 50 36.84 -4.21 10.67
CA PRO B 50 36.77 -4.05 12.12
C PRO B 50 36.66 -2.58 12.49
N GLY B 51 35.78 -2.24 13.42
CA GLY B 51 35.61 -0.85 13.86
C GLY B 51 34.86 0.07 12.89
N GLY B 52 34.42 -0.47 11.76
CA GLY B 52 33.73 0.31 10.73
C GLY B 52 32.22 0.10 10.60
N ALA B 53 31.58 -0.46 11.62
CA ALA B 53 30.16 -0.72 11.51
C ALA B 53 29.37 0.59 11.42
N THR B 54 28.26 0.54 10.70
CA THR B 54 27.42 1.73 10.55
C THR B 54 25.96 1.33 10.66
N VAL B 55 25.15 2.29 11.10
CA VAL B 55 23.73 2.21 10.98
C VAL B 55 23.23 3.34 10.08
N PRO B 56 22.61 2.99 8.94
CA PRO B 56 22.38 1.62 8.45
C PRO B 56 23.66 0.90 8.01
N GLY B 57 23.59 -0.43 7.89
CA GLY B 57 24.73 -1.23 7.46
C GLY B 57 25.15 -0.97 6.02
N PRO B 58 26.22 -1.62 5.56
CA PRO B 58 26.64 -1.36 4.20
C PRO B 58 25.60 -1.82 3.19
N VAL B 59 25.53 -1.16 2.05
CA VAL B 59 24.67 -1.58 0.97
C VAL B 59 25.39 -2.72 0.28
N LEU B 60 24.74 -3.89 0.23
CA LEU B 60 25.26 -5.05 -0.50
C LEU B 60 24.59 -5.11 -1.88
N GLU B 61 25.39 -5.25 -2.94
CA GLU B 61 24.85 -5.37 -4.29
C GLU B 61 25.17 -6.73 -4.91
N MET B 62 24.21 -7.29 -5.63
CA MET B 62 24.45 -8.46 -6.43
C MET B 62 23.76 -8.25 -7.77
N TRP B 63 24.27 -8.90 -8.82
CA TRP B 63 23.53 -9.06 -10.06
C TRP B 63 22.88 -10.43 -10.00
N GLU B 64 21.67 -10.54 -10.57
CA GLU B 64 20.88 -11.76 -10.48
C GLU B 64 21.76 -12.94 -10.86
N GLY B 65 21.70 -14.00 -10.06
CA GLY B 65 22.47 -15.21 -10.35
C GLY B 65 23.81 -15.27 -9.65
N ASP B 66 24.28 -14.12 -9.15
CA ASP B 66 25.49 -14.07 -8.32
C ASP B 66 25.28 -14.82 -7.02
N THR B 67 26.37 -15.28 -6.43
CA THR B 67 26.35 -15.78 -5.07
C THR B 67 27.16 -14.89 -4.15
N LEU B 68 26.59 -14.58 -2.99
CA LEU B 68 27.32 -13.89 -1.94
C LEU B 68 27.44 -14.76 -0.68
N GLU B 69 28.68 -14.91 -0.22
CA GLU B 69 29.02 -15.68 0.95
C GLU B 69 29.57 -14.70 1.95
N ILE B 70 28.97 -14.71 3.13
CA ILE B 70 29.33 -13.77 4.19
C ILE B 70 29.74 -14.48 5.46
N ASP B 71 30.89 -14.12 5.99
CA ASP B 71 31.28 -14.54 7.32
C ASP B 71 30.84 -13.43 8.25
N LEU B 72 29.87 -13.76 9.09
CA LEU B 72 29.39 -12.79 10.04
C LEU B 72 30.17 -13.00 11.33
N VAL B 73 30.99 -12.01 11.67
CA VAL B 73 31.79 -12.05 12.88
C VAL B 73 31.04 -11.34 14.00
N ASN B 74 30.64 -12.08 15.02
CA ASN B 74 29.91 -11.48 16.13
C ASN B 74 30.95 -11.09 17.18
N THR B 75 31.17 -9.79 17.35
CA THR B 75 32.16 -9.30 18.29
C THR B 75 31.49 -8.95 19.60
N THR B 76 30.17 -9.15 19.66
CA THR B 76 29.41 -8.70 20.81
C THR B 76 29.23 -9.78 21.86
N ASP B 77 28.60 -9.41 22.97
CA ASP B 77 28.27 -10.36 24.02
C ASP B 77 26.85 -10.92 23.87
N ARG B 78 26.19 -10.55 22.77
CA ARG B 78 24.81 -10.96 22.53
C ARG B 78 24.74 -12.01 21.42
N VAL B 79 23.73 -12.89 21.50
CA VAL B 79 23.36 -13.69 20.35
C VAL B 79 22.72 -12.75 19.37
N LEU B 80 23.11 -12.87 18.10
CA LEU B 80 22.49 -12.11 17.04
C LEU B 80 22.71 -12.86 15.74
N SER B 81 22.18 -12.33 14.63
CA SER B 81 22.25 -13.07 13.37
C SER B 81 22.08 -12.17 12.17
N LEU B 82 22.08 -12.80 11.01
CA LEU B 82 21.91 -12.11 9.73
C LEU B 82 20.81 -12.79 8.93
N HIS B 83 19.79 -12.02 8.55
CA HIS B 83 18.78 -12.60 7.69
C HIS B 83 18.36 -11.67 6.54
N PRO B 84 18.31 -12.21 5.31
CA PRO B 84 17.93 -11.41 4.14
C PRO B 84 16.47 -11.53 3.73
N HIS B 85 16.07 -10.71 2.75
CA HIS B 85 14.79 -10.85 2.04
C HIS B 85 15.13 -11.07 0.57
N GLY B 86 14.33 -11.88 -0.10
CA GLY B 86 14.24 -11.94 -1.55
C GLY B 86 15.29 -12.84 -2.20
N VAL B 87 16.44 -13.02 -1.55
CA VAL B 87 17.51 -13.87 -2.09
C VAL B 87 17.24 -15.34 -1.79
N ASP B 88 17.79 -16.24 -2.60
CA ASP B 88 17.68 -17.66 -2.29
C ASP B 88 18.63 -18.05 -1.14
N TYR B 89 18.06 -18.62 -0.09
CA TYR B 89 18.88 -19.10 1.03
C TYR B 89 18.22 -20.37 1.54
N ASP B 90 19.01 -21.33 2.03
CA ASP B 90 18.38 -22.48 2.67
C ASP B 90 18.28 -22.28 4.19
N VAL B 91 17.67 -23.22 4.90
CA VAL B 91 17.38 -22.97 6.32
C VAL B 91 18.64 -22.70 7.14
N ASN B 92 19.74 -23.36 6.82
CA ASN B 92 20.96 -23.17 7.57
C ASN B 92 21.48 -21.73 7.45
N SER B 93 21.02 -21.02 6.42
CA SER B 93 21.26 -19.59 6.26
C SER B 93 20.12 -18.62 6.71
N ASP B 94 19.07 -19.14 7.31
CA ASP B 94 17.91 -18.28 7.54
C ASP B 94 18.06 -17.26 8.69
N GLY B 95 19.12 -17.40 9.48
CA GLY B 95 19.43 -16.43 10.51
C GLY B 95 18.58 -16.54 11.77
N THR B 96 17.92 -17.68 11.96
CA THR B 96 17.06 -17.85 13.12
C THR B 96 17.65 -18.88 14.07
N LEU B 97 17.34 -18.70 15.35
CA LEU B 97 17.75 -19.66 16.36
C LEU B 97 17.03 -20.98 16.12
N MET B 98 15.75 -20.87 15.77
CA MET B 98 14.92 -22.03 15.52
C MET B 98 15.60 -22.99 14.54
N ASN B 99 16.28 -22.43 13.54
CA ASN B 99 16.95 -23.24 12.53
C ASN B 99 18.44 -23.47 12.79
N GLY B 100 18.94 -23.03 13.95
CA GLY B 100 20.34 -23.23 14.33
C GLY B 100 21.27 -22.33 13.54
N SER B 101 20.68 -21.27 12.99
CA SER B 101 21.34 -20.35 12.06
C SER B 101 21.85 -19.04 12.63
N ALA B 102 21.75 -18.84 13.95
CA ALA B 102 22.26 -17.60 14.56
C ALA B 102 23.76 -17.69 14.96
N VAL B 103 24.27 -16.60 15.53
CA VAL B 103 25.70 -16.57 15.88
C VAL B 103 25.92 -16.29 17.35
N MET B 104 26.58 -17.23 18.05
CA MET B 104 26.92 -17.02 19.44
C MET B 104 27.97 -15.91 19.58
N PRO B 105 27.98 -15.23 20.73
CA PRO B 105 28.99 -14.21 21.01
C PRO B 105 30.39 -14.75 20.77
N GLY B 106 31.24 -13.94 20.11
CA GLY B 106 32.62 -14.31 19.89
C GLY B 106 32.80 -15.42 18.87
N GLN B 107 31.80 -15.61 18.03
CA GLN B 107 31.88 -16.65 17.00
C GLN B 107 31.53 -16.07 15.64
N THR B 108 31.85 -16.83 14.60
CA THR B 108 31.60 -16.43 13.21
C THR B 108 30.74 -17.49 12.55
N ARG B 109 29.74 -17.04 11.79
CA ARG B 109 28.91 -17.96 11.03
C ARG B 109 29.05 -17.66 9.54
N ARG B 110 29.13 -18.71 8.73
CA ARG B 110 29.06 -18.56 7.29
C ARG B 110 27.60 -18.49 6.85
N TYR B 111 27.26 -17.43 6.13
CA TYR B 111 25.95 -17.33 5.50
C TYR B 111 26.11 -17.35 3.97
N THR B 112 25.18 -18.04 3.29
CA THR B 112 25.25 -18.13 1.84
C THR B 112 23.95 -17.69 1.17
N TRP B 113 24.05 -16.63 0.37
CA TRP B 113 22.91 -16.06 -0.37
C TRP B 113 23.07 -16.28 -1.88
N ARG B 114 22.07 -16.91 -2.50
CA ARG B 114 22.09 -17.08 -3.93
C ARG B 114 20.97 -16.28 -4.57
N SER B 115 20.97 -16.27 -5.90
CA SER B 115 20.06 -15.49 -6.70
C SER B 115 20.05 -16.11 -8.10
N HIS B 116 19.04 -15.81 -8.90
CA HIS B 116 18.92 -16.45 -10.21
C HIS B 116 18.33 -15.49 -11.22
N VAL B 117 18.62 -15.69 -12.51
CA VAL B 117 17.86 -15.05 -13.56
C VAL B 117 16.51 -15.75 -13.71
N GLY B 118 15.56 -15.08 -14.34
CA GLY B 118 14.27 -15.71 -14.59
C GLY B 118 14.46 -16.89 -15.50
N TYR B 119 13.70 -17.96 -15.24
CA TYR B 119 13.77 -19.15 -16.07
C TYR B 119 12.40 -19.79 -16.21
N ARG B 120 12.22 -20.56 -17.29
CA ARG B 120 10.97 -21.23 -17.62
C ARG B 120 10.89 -22.59 -16.94
N ARG B 121 9.79 -22.81 -16.21
CA ARG B 121 9.51 -24.10 -15.57
C ARG B 121 8.92 -25.15 -16.53
N ALA B 122 9.10 -26.41 -16.17
CA ALA B 122 8.57 -27.53 -16.93
C ALA B 122 7.05 -27.44 -17.10
N ASP B 123 6.37 -26.80 -16.15
CA ASP B 123 4.92 -26.72 -16.19
C ASP B 123 4.46 -25.56 -17.07
N GLY B 124 5.42 -24.89 -17.70
CA GLY B 124 5.15 -23.80 -18.63
C GLY B 124 5.32 -22.41 -18.03
N SER B 125 5.27 -22.32 -16.71
CA SER B 125 5.22 -21.02 -16.06
C SER B 125 6.62 -20.39 -15.96
N TRP B 126 6.65 -19.15 -15.45
CA TRP B 126 7.89 -18.39 -15.39
C TRP B 126 8.30 -18.13 -13.95
N ALA B 127 9.47 -18.65 -13.56
CA ALA B 127 10.03 -18.35 -12.26
C ALA B 127 10.82 -17.04 -12.35
N GLU B 128 10.40 -16.06 -11.56
CA GLU B 128 10.95 -14.72 -11.67
C GLU B 128 12.40 -14.64 -11.17
N GLY B 129 13.23 -13.82 -11.82
CA GLY B 129 14.58 -13.57 -11.36
C GLY B 129 14.57 -12.80 -10.05
N THR B 130 15.69 -12.88 -9.31
CA THR B 130 15.78 -12.37 -7.96
C THR B 130 15.72 -10.84 -7.85
N ALA B 131 15.93 -10.12 -8.95
CA ALA B 131 16.14 -8.68 -8.88
C ALA B 131 15.08 -7.91 -8.07
N GLY B 132 15.54 -6.98 -7.23
CA GLY B 132 14.66 -6.09 -6.49
C GLY B 132 15.39 -5.30 -5.40
N TYR B 133 14.71 -4.37 -4.75
CA TYR B 133 15.33 -3.68 -3.64
C TYR B 133 14.98 -4.39 -2.35
N TRP B 134 15.96 -5.05 -1.79
CA TRP B 134 15.75 -5.89 -0.62
C TRP B 134 16.53 -5.34 0.58
N HIS B 135 16.49 -6.07 1.68
CA HIS B 135 17.28 -5.70 2.84
C HIS B 135 17.62 -6.92 3.66
N TYR B 136 18.41 -6.67 4.71
CA TYR B 136 18.86 -7.71 5.60
C TYR B 136 18.85 -7.14 6.99
N HIS B 137 18.86 -8.01 8.00
CA HIS B 137 18.75 -7.54 9.37
C HIS B 137 18.79 -8.69 10.38
N ASP B 138 19.02 -8.36 11.65
CA ASP B 138 19.10 -9.38 12.68
C ASP B 138 17.77 -10.12 12.87
N HIS B 139 17.79 -11.44 12.87
CA HIS B 139 16.63 -12.20 13.31
C HIS B 139 16.76 -12.85 14.69
N ALA B 140 17.94 -12.77 15.31
CA ALA B 140 18.12 -13.43 16.61
C ALA B 140 18.17 -12.63 17.92
N MET B 141 18.24 -11.30 17.88
CA MET B 141 18.62 -10.59 19.12
C MET B 141 17.42 -10.15 19.93
N GLY B 142 17.32 -10.73 21.13
CA GLY B 142 16.34 -10.37 22.14
C GLY B 142 15.03 -11.13 22.02
N THR B 143 14.67 -11.57 20.81
CA THR B 143 13.54 -12.46 20.60
C THR B 143 13.87 -13.32 19.37
N GLU B 144 12.96 -14.22 19.04
CA GLU B 144 13.12 -15.09 17.88
C GLU B 144 12.95 -14.28 16.59
N HIS B 145 12.34 -13.12 16.72
CA HIS B 145 12.14 -12.22 15.59
C HIS B 145 13.15 -11.09 15.44
N GLY B 146 14.19 -11.09 16.29
CA GLY B 146 15.23 -10.08 16.21
C GLY B 146 14.83 -8.68 16.66
N THR B 147 13.77 -8.60 17.48
CA THR B 147 13.23 -7.30 17.89
C THR B 147 14.25 -6.30 18.42
N GLU B 148 15.10 -6.75 19.35
CA GLU B 148 16.11 -5.87 19.93
C GLU B 148 17.21 -5.53 18.94
N GLY B 149 17.56 -6.49 18.09
CA GLY B 149 18.57 -6.26 17.08
C GLY B 149 18.17 -5.18 16.10
N VAL B 150 16.96 -5.29 15.58
CA VAL B 150 16.44 -4.29 14.66
C VAL B 150 16.30 -2.92 15.35
N LEU B 151 15.75 -2.93 16.56
CA LEU B 151 15.61 -1.70 17.35
C LEU B 151 16.94 -0.95 17.37
N LYS B 152 18.02 -1.68 17.60
CA LYS B 152 19.31 -1.05 17.84
C LYS B 152 20.17 -0.83 16.61
N GLY B 153 19.60 -1.13 15.43
CA GLY B 153 20.26 -0.83 14.17
C GLY B 153 20.88 -1.90 13.30
N LEU B 154 20.70 -3.20 13.58
CA LEU B 154 21.34 -4.09 12.62
C LEU B 154 20.31 -4.30 11.52
N TYR B 155 20.53 -3.56 10.45
CA TYR B 155 19.73 -3.59 9.24
C TYR B 155 20.58 -2.93 8.16
N GLY B 156 20.28 -3.20 6.90
CA GLY B 156 21.07 -2.69 5.81
C GLY B 156 20.36 -3.05 4.53
N ALA B 157 20.68 -2.32 3.46
CA ALA B 157 20.08 -2.57 2.15
C ALA B 157 20.79 -3.68 1.37
N LEU B 158 19.98 -4.43 0.61
CA LEU B 158 20.48 -5.46 -0.26
C LEU B 158 19.87 -5.20 -1.64
N VAL B 159 20.74 -4.83 -2.57
CA VAL B 159 20.30 -4.44 -3.88
C VAL B 159 20.61 -5.54 -4.88
N VAL B 160 19.57 -6.14 -5.45
CA VAL B 160 19.82 -7.16 -6.47
C VAL B 160 19.45 -6.65 -7.86
N ARG B 161 20.45 -6.46 -8.71
CA ARG B 161 20.23 -5.82 -10.00
C ARG B 161 19.96 -6.79 -11.13
N ARG B 162 19.08 -6.40 -12.05
CA ARG B 162 18.87 -7.12 -13.29
C ARG B 162 19.79 -6.54 -14.34
N GLN B 163 20.41 -7.41 -15.12
CA GLN B 163 21.29 -6.96 -16.17
C GLN B 163 20.57 -5.94 -17.04
N GLY B 164 21.22 -4.80 -17.27
CA GLY B 164 20.65 -3.72 -18.05
C GLY B 164 20.06 -2.60 -17.20
N ASP B 165 19.91 -2.83 -15.89
CA ASP B 165 19.44 -1.77 -15.00
C ASP B 165 20.36 -0.56 -14.99
N LEU B 166 19.77 0.63 -14.97
CA LEU B 166 20.53 1.87 -14.84
C LEU B 166 21.16 2.03 -13.44
N LEU B 167 22.33 2.66 -13.39
CA LEU B 167 23.05 2.76 -12.12
C LEU B 167 23.14 4.21 -11.66
N PRO B 168 23.08 4.42 -10.33
CA PRO B 168 23.07 5.73 -9.69
C PRO B 168 24.44 6.39 -9.56
N LYS B 169 24.46 7.72 -9.52
CA LYS B 169 25.62 8.47 -9.05
C LYS B 169 25.64 8.53 -7.53
N ARG B 170 24.45 8.65 -6.93
CA ARG B 170 24.29 8.75 -5.47
C ARG B 170 23.28 7.72 -4.98
N GLN B 171 23.55 7.15 -3.81
CA GLN B 171 22.69 6.10 -3.26
C GLN B 171 22.43 6.36 -1.79
N PHE B 172 21.17 6.47 -1.42
CA PHE B 172 20.80 6.76 -0.03
C PHE B 172 19.98 5.60 0.53
N THR B 173 20.31 5.16 1.75
CA THR B 173 19.43 4.21 2.45
C THR B 173 18.63 4.95 3.51
N VAL B 174 17.30 4.89 3.41
CA VAL B 174 16.42 5.50 4.40
C VAL B 174 15.66 4.41 5.12
N VAL B 175 15.83 4.34 6.44
CA VAL B 175 15.15 3.32 7.24
C VAL B 175 14.30 3.99 8.29
N PHE B 176 12.99 3.77 8.20
CA PHE B 176 12.13 4.30 9.24
C PHE B 176 12.07 3.15 10.23
N ASN B 177 12.73 3.32 11.38
CA ASN B 177 12.77 2.29 12.40
C ASN B 177 12.05 2.81 13.61
N ASP B 178 10.88 2.24 13.87
CA ASP B 178 9.97 2.83 14.82
C ASP B 178 9.83 4.34 14.55
N MET B 179 10.13 5.17 15.54
CA MET B 179 10.08 6.63 15.40
C MET B 179 11.41 7.24 14.95
N MET B 180 12.36 6.41 14.56
CA MET B 180 13.68 6.88 14.14
C MET B 180 13.89 6.80 12.62
N ILE B 181 14.71 7.71 12.09
CA ILE B 181 15.25 7.56 10.75
C ILE B 181 16.73 7.15 10.87
N ASN B 182 17.04 5.94 10.42
CA ASN B 182 18.40 5.42 10.53
C ASN B 182 18.98 5.52 11.94
N ASN B 183 18.12 5.39 12.95
CA ASN B 183 18.51 5.41 14.36
C ASN B 183 19.21 6.68 14.88
N ARG B 184 18.96 7.80 14.21
CA ARG B 184 19.47 9.11 14.61
C ARG B 184 18.75 9.69 15.82
N ALA B 185 19.37 10.68 16.47
CA ALA B 185 18.83 11.28 17.71
C ALA B 185 17.58 12.14 17.50
N HIS B 186 17.13 12.84 18.55
CA HIS B 186 15.78 13.41 18.54
C HIS B 186 15.47 14.08 17.19
N HIS B 187 16.06 15.24 16.91
CA HIS B 187 16.14 15.63 15.53
C HIS B 187 17.61 15.69 15.19
N ASP B 188 18.13 14.64 14.59
CA ASP B 188 19.13 14.78 13.58
C ASP B 188 18.71 13.73 12.57
N ALA B 189 18.04 14.12 11.49
CA ALA B 189 17.67 13.18 10.46
C ALA B 189 18.69 13.24 9.34
N PRO B 190 19.12 12.10 8.81
CA PRO B 190 20.17 12.27 7.80
C PRO B 190 19.84 13.32 6.72
N THR B 191 20.82 14.16 6.40
CA THR B 191 20.74 14.98 5.20
C THR B 191 21.38 14.24 4.02
N PHE B 192 20.58 13.93 3.00
CA PHE B 192 21.10 13.28 1.80
C PHE B 192 21.39 14.31 0.72
N GLU B 193 22.53 14.16 0.07
CA GLU B 193 23.04 15.22 -0.81
C GLU B 193 23.27 14.78 -2.24
N ALA B 194 22.88 15.63 -3.20
CA ALA B 194 23.16 15.38 -4.61
C ALA B 194 23.35 16.66 -5.41
N ASN B 195 23.96 16.55 -6.58
CA ASN B 195 24.04 17.68 -7.47
C ASN B 195 22.91 17.68 -8.49
N LEU B 196 22.43 18.88 -8.80
CA LEU B 196 21.29 19.01 -9.68
C LEU B 196 21.57 18.21 -10.96
N GLY B 197 20.59 17.38 -11.34
CA GLY B 197 20.72 16.57 -12.54
C GLY B 197 21.36 15.19 -12.38
N GLU B 198 21.88 14.88 -11.20
CA GLU B 198 22.42 13.54 -10.97
C GLU B 198 21.35 12.46 -10.82
N ARG B 199 21.70 11.25 -11.25
CA ARG B 199 20.83 10.09 -11.01
C ARG B 199 21.06 9.57 -9.60
N VAL B 200 19.97 9.53 -8.84
CA VAL B 200 19.99 9.30 -7.40
C VAL B 200 19.12 8.09 -7.03
N GLU B 201 19.67 7.16 -6.27
CA GLU B 201 18.93 5.97 -5.88
C GLU B 201 18.52 6.03 -4.42
N TRP B 202 17.21 5.95 -4.19
CA TRP B 202 16.66 5.84 -2.85
C TRP B 202 16.32 4.38 -2.55
N ILE B 203 16.88 3.85 -1.47
CA ILE B 203 16.45 2.57 -0.94
C ILE B 203 15.74 2.84 0.36
N ALA B 204 14.50 2.36 0.48
CA ALA B 204 13.68 2.67 1.63
C ALA B 204 13.20 1.40 2.33
N ILE B 205 13.39 1.33 3.64
CA ILE B 205 13.11 0.13 4.41
C ILE B 205 12.40 0.52 5.69
N GLY B 206 11.26 -0.12 5.97
CA GLY B 206 10.59 0.04 7.23
C GLY B 206 10.98 -1.04 8.24
N HIS B 207 10.88 -0.69 9.52
CA HIS B 207 11.19 -1.62 10.60
C HIS B 207 10.47 -1.18 11.87
N GLY B 208 10.38 -2.08 12.83
CA GLY B 208 9.80 -1.74 14.11
C GLY B 208 8.36 -2.19 14.24
N SER B 209 7.67 -1.57 15.19
CA SER B 209 6.24 -1.75 15.45
C SER B 209 5.30 -0.66 14.92
N ASN B 210 5.85 0.32 14.22
CA ASN B 210 5.07 1.50 13.81
C ASN B 210 4.77 1.56 12.30
N PHE B 211 3.64 2.16 11.94
CA PHE B 211 3.32 2.36 10.52
C PHE B 211 3.77 3.74 10.05
N HIS B 212 4.23 3.79 8.80
CA HIS B 212 4.77 5.02 8.22
C HIS B 212 4.31 5.25 6.76
N THR B 213 4.48 6.48 6.28
CA THR B 213 4.34 6.76 4.86
C THR B 213 5.52 7.61 4.39
N PHE B 214 6.31 7.10 3.45
CA PHE B 214 7.51 7.80 3.01
C PHE B 214 7.19 8.79 1.90
N HIS B 215 7.57 10.04 2.11
CA HIS B 215 7.24 11.10 1.16
C HIS B 215 8.45 12.00 0.87
N LEU B 216 8.68 12.28 -0.41
CA LEU B 216 9.78 13.13 -0.86
C LEU B 216 9.24 14.38 -1.59
N HIS B 217 9.59 15.58 -1.11
CA HIS B 217 9.13 16.80 -1.77
C HIS B 217 9.81 16.95 -3.12
N GLY B 218 9.11 17.53 -4.08
CA GLY B 218 9.72 18.00 -5.31
C GLY B 218 10.16 16.93 -6.28
N HIS B 219 9.89 15.68 -5.95
CA HIS B 219 10.31 14.54 -6.77
C HIS B 219 9.24 13.48 -6.78
N ARG B 220 9.34 12.57 -7.75
CA ARG B 220 8.35 11.52 -7.88
C ARG B 220 8.94 10.35 -8.66
N TRP B 221 8.32 9.19 -8.53
CA TRP B 221 8.77 8.01 -9.26
C TRP B 221 7.54 7.17 -9.64
N LEU B 222 7.71 6.28 -10.62
CA LEU B 222 6.71 5.28 -11.00
C LEU B 222 6.70 4.13 -10.00
N ASP B 223 5.55 3.54 -9.71
CA ASP B 223 5.53 2.58 -8.64
C ASP B 223 5.59 1.21 -9.29
N ASN B 224 6.80 0.67 -9.28
CA ASN B 224 7.14 -0.59 -9.92
C ASN B 224 8.51 -0.98 -9.40
N ARG B 225 9.13 -1.99 -9.97
CA ARG B 225 10.41 -2.44 -9.45
C ARG B 225 11.48 -1.33 -9.42
N THR B 226 11.79 -0.75 -10.57
CA THR B 226 12.88 0.24 -10.67
C THR B 226 12.46 1.69 -10.45
N GLY B 227 11.16 1.97 -10.50
CA GLY B 227 10.68 3.34 -10.40
C GLY B 227 10.60 4.12 -11.71
N MET B 228 10.96 3.49 -12.82
CA MET B 228 10.96 4.17 -14.12
C MET B 228 10.25 3.33 -15.17
N ARG B 229 9.72 3.97 -16.21
CA ARG B 229 8.91 3.25 -17.19
C ARG B 229 9.72 2.24 -18.00
N THR B 230 9.25 1.00 -17.97
CA THR B 230 9.86 -0.13 -18.67
C THR B 230 9.44 -0.27 -20.16
N SER B 231 8.31 0.34 -20.52
CA SER B 231 7.70 0.08 -21.82
C SER B 231 6.40 0.84 -21.94
N GLU B 232 5.92 0.98 -23.16
CA GLU B 232 4.69 1.73 -23.43
C GLU B 232 3.45 1.17 -22.73
N TYR B 233 3.50 -0.10 -22.37
CA TYR B 233 2.35 -0.79 -21.77
C TYR B 233 2.30 -0.73 -20.25
N ASP B 234 3.34 -0.16 -19.64
CA ASP B 234 3.47 -0.08 -18.18
C ASP B 234 2.35 0.81 -17.61
N PRO B 235 1.41 0.17 -16.87
CA PRO B 235 0.25 0.73 -16.15
C PRO B 235 0.55 1.48 -14.85
N SER B 236 1.73 1.23 -14.27
CA SER B 236 2.01 1.72 -12.92
C SER B 236 1.76 3.21 -12.82
N PRO B 237 1.14 3.64 -11.70
CA PRO B 237 0.87 5.05 -11.42
C PRO B 237 2.15 5.79 -11.02
N LEU B 238 2.27 7.08 -11.33
CA LEU B 238 3.30 7.94 -10.76
C LEU B 238 2.92 8.29 -9.32
N ILE B 239 3.90 8.35 -8.40
CA ILE B 239 3.63 8.68 -7.00
C ILE B 239 4.77 9.48 -6.37
N ASP B 240 4.45 10.36 -5.43
CA ASP B 240 5.44 10.91 -4.51
C ASP B 240 5.47 10.37 -3.08
N ILE B 241 4.64 9.37 -2.80
CA ILE B 241 4.57 8.82 -1.45
C ILE B 241 4.15 7.36 -1.44
N LYS B 242 4.69 6.58 -0.50
CA LYS B 242 4.36 5.16 -0.44
C LYS B 242 4.42 4.62 1.01
N ASP B 243 3.51 3.69 1.37
CA ASP B 243 3.55 3.08 2.71
C ASP B 243 4.90 2.45 2.94
N LEU B 244 5.58 2.80 4.04
CA LEU B 244 6.74 2.02 4.41
C LEU B 244 6.51 1.40 5.77
N ASN B 245 6.06 0.16 5.76
CA ASN B 245 5.75 -0.60 6.96
C ASN B 245 6.85 -1.57 7.44
N PRO B 246 6.79 -1.99 8.72
CA PRO B 246 7.83 -2.92 9.17
C PRO B 246 7.99 -4.14 8.26
N GLY B 247 9.25 -4.44 7.93
CA GLY B 247 9.64 -5.50 7.00
C GLY B 247 9.61 -5.13 5.52
N VAL B 248 8.96 -4.02 5.20
CA VAL B 248 8.83 -3.60 3.80
C VAL B 248 10.02 -2.81 3.28
N SER B 249 10.37 -3.07 2.02
CA SER B 249 11.40 -2.33 1.33
C SER B 249 11.01 -2.06 -0.12
N PHE B 250 11.37 -0.89 -0.60
CA PHE B 250 11.34 -0.63 -2.04
C PHE B 250 12.45 0.33 -2.36
N GLY B 251 12.61 0.61 -3.65
CA GLY B 251 13.60 1.56 -4.10
C GLY B 251 13.17 2.17 -5.40
N PHE B 252 13.82 3.27 -5.75
CA PHE B 252 13.59 3.98 -7.01
C PHE B 252 14.75 4.90 -7.29
N GLN B 253 14.68 5.55 -8.44
CA GLN B 253 15.69 6.49 -8.88
C GLN B 253 15.01 7.75 -9.36
N VAL B 254 15.61 8.89 -9.08
CA VAL B 254 15.14 10.15 -9.63
C VAL B 254 16.34 10.96 -10.15
N ILE B 255 16.04 11.99 -10.95
CA ILE B 255 17.07 12.95 -11.38
C ILE B 255 16.93 14.12 -10.43
N ALA B 256 17.98 14.40 -9.66
CA ALA B 256 17.93 15.41 -8.62
C ALA B 256 17.50 16.78 -9.16
N GLY B 257 16.46 17.37 -8.54
CA GLY B 257 15.96 18.67 -8.93
C GLY B 257 15.36 18.75 -10.33
N GLU B 258 15.01 17.61 -10.92
CA GLU B 258 14.47 17.66 -12.29
C GLU B 258 13.15 18.43 -12.29
N GLY B 259 13.10 19.49 -13.09
CA GLY B 259 11.91 20.29 -13.31
C GLY B 259 11.57 21.15 -12.11
N VAL B 260 12.17 20.85 -10.96
CA VAL B 260 12.04 21.67 -9.75
C VAL B 260 13.18 22.57 -9.26
N GLY B 261 14.38 22.45 -9.84
CA GLY B 261 15.55 23.16 -9.34
C GLY B 261 16.18 22.70 -8.02
N PRO B 262 17.34 23.28 -7.66
CA PRO B 262 18.08 22.93 -6.44
C PRO B 262 17.48 23.51 -5.14
N GLY B 263 18.18 23.36 -4.02
CA GLY B 263 17.67 23.73 -2.70
C GLY B 263 17.31 22.62 -1.73
N MET B 264 16.76 22.97 -0.58
CA MET B 264 16.58 21.97 0.45
C MET B 264 15.21 21.32 0.31
N TRP B 265 15.22 20.08 -0.11
CA TRP B 265 13.99 19.34 -0.37
C TRP B 265 13.71 18.36 0.77
N MET B 266 12.56 18.52 1.40
CA MET B 266 12.20 17.75 2.56
C MET B 266 11.80 16.33 2.18
N TYR B 267 12.33 15.34 2.89
CA TYR B 267 11.72 14.01 2.88
C TYR B 267 11.23 13.77 4.30
N HIS B 268 10.11 13.08 4.45
CA HIS B 268 9.64 12.78 5.78
C HIS B 268 8.53 11.74 5.80
N CYS B 269 8.11 11.38 7.00
CA CYS B 269 6.95 10.52 7.15
C CYS B 269 5.72 11.42 7.12
N HIS B 270 4.76 11.10 6.27
CA HIS B 270 3.58 11.96 6.18
C HIS B 270 2.60 11.80 7.33
N VAL B 271 2.85 10.85 8.23
CA VAL B 271 1.99 10.72 9.39
C VAL B 271 2.28 11.94 10.27
N GLN B 272 1.25 12.73 10.53
CA GLN B 272 1.45 14.06 11.05
C GLN B 272 2.21 14.11 12.39
N ASN B 273 1.76 13.38 13.41
CA ASN B 273 2.50 13.44 14.66
C ASN B 273 3.90 12.82 14.56
N HIS B 274 4.13 12.00 13.55
CA HIS B 274 5.45 11.43 13.35
C HIS B 274 6.42 12.48 12.84
N SER B 275 6.03 13.21 11.79
CA SER B 275 6.86 14.27 11.27
C SER B 275 7.14 15.31 12.36
N ASP B 276 6.17 15.60 13.21
CA ASP B 276 6.38 16.57 14.27
C ASP B 276 7.33 16.05 15.35
N MET B 277 7.37 14.74 15.49
CA MET B 277 8.28 14.13 16.45
C MET B 277 9.65 14.04 15.81
N GLY B 278 9.73 14.49 14.58
CA GLY B 278 10.99 14.51 13.87
C GLY B 278 11.30 13.48 12.78
N MET B 279 10.34 12.71 12.24
CA MET B 279 10.85 11.95 11.10
C MET B 279 10.56 12.86 9.93
N ALA B 280 11.58 13.66 9.65
CA ALA B 280 11.65 14.56 8.54
C ALA B 280 13.14 14.80 8.42
N GLY B 281 13.66 14.99 7.20
CA GLY B 281 15.06 15.28 7.00
C GLY B 281 15.18 15.95 5.65
N MET B 282 16.41 16.29 5.26
CA MET B 282 16.60 17.00 4.00
C MET B 282 17.27 16.17 2.92
N PHE B 283 16.70 16.24 1.72
CA PHE B 283 17.38 15.90 0.49
C PHE B 283 17.97 17.24 -0.01
N LEU B 284 19.28 17.39 0.06
CA LEU B 284 19.91 18.64 -0.38
C LEU B 284 20.36 18.54 -1.83
N VAL B 285 19.73 19.31 -2.71
CA VAL B 285 20.17 19.34 -4.10
C VAL B 285 20.96 20.62 -4.37
N ARG B 286 22.26 20.47 -4.54
CA ARG B 286 23.14 21.59 -4.86
C ARG B 286 23.01 21.92 -6.35
N ASN B 287 23.73 22.96 -6.75
CA ASN B 287 23.83 23.31 -8.16
C ASN B 287 24.61 22.23 -8.86
N ALA B 288 24.46 22.16 -10.18
CA ALA B 288 25.13 21.11 -10.94
C ALA B 288 26.63 21.04 -10.66
N ASP B 289 27.26 22.20 -10.50
CA ASP B 289 28.70 22.24 -10.24
C ASP B 289 29.06 21.89 -8.80
N GLY B 290 28.03 21.76 -7.97
CA GLY B 290 28.22 21.32 -6.59
C GLY B 290 28.24 22.45 -5.58
N THR B 291 28.02 23.67 -6.05
CA THR B 291 27.95 24.83 -5.16
C THR B 291 26.61 24.86 -4.44
N MET B 292 26.61 25.38 -3.21
CA MET B 292 25.40 25.48 -2.40
C MET B 292 24.34 26.39 -3.03
N PRO B 293 23.05 26.06 -2.86
CA PRO B 293 21.95 26.92 -3.32
C PRO B 293 21.61 28.07 -2.35
N ALA B 294 20.53 28.78 -2.63
CA ALA B 294 20.20 30.07 -2.01
C ALA B 294 20.33 30.19 -0.49
N GLY B 295 19.44 29.52 0.22
CA GLY B 295 19.23 29.79 1.64
C GLY B 295 20.10 29.00 2.59
N VAL B 296 21.22 28.50 2.10
CA VAL B 296 22.07 27.61 2.92
C VAL B 296 23.34 28.28 3.47
N HIS B 297 23.64 27.94 4.72
CA HIS B 297 24.72 28.55 5.50
C HIS B 297 25.81 27.50 5.81
N GLU B 298 26.97 27.65 5.18
CA GLU B 298 28.05 26.67 5.28
C GLU B 298 29.05 26.99 6.39
N HIS B 299 29.50 25.96 7.10
CA HIS B 299 30.50 26.15 8.15
C HIS B 299 31.85 25.54 7.78
N GLY C 27 -21.68 -20.03 -18.56
CA GLY C 27 -21.51 -19.76 -17.13
C GLY C 27 -22.27 -20.75 -16.27
N THR C 28 -21.62 -21.25 -15.21
CA THR C 28 -22.24 -22.25 -14.33
C THR C 28 -22.86 -21.66 -13.05
N THR C 29 -24.08 -22.09 -12.75
CA THR C 29 -24.75 -21.71 -11.51
C THR C 29 -24.61 -22.84 -10.50
N ARG C 30 -24.22 -22.50 -9.27
CA ARG C 30 -24.03 -23.52 -8.23
C ARG C 30 -24.77 -23.14 -6.95
N ARG C 31 -25.44 -24.12 -6.36
CA ARG C 31 -26.29 -23.86 -5.20
C ARG C 31 -25.72 -24.58 -3.99
N ILE C 32 -25.45 -23.81 -2.95
CA ILE C 32 -24.94 -24.41 -1.72
C ILE C 32 -25.62 -23.87 -0.48
N THR C 33 -25.61 -24.71 0.55
CA THR C 33 -26.05 -24.33 1.87
C THR C 33 -24.86 -23.94 2.74
N MET C 34 -24.99 -22.84 3.45
CA MET C 34 -23.96 -22.42 4.37
C MET C 34 -24.56 -22.26 5.76
N TYR C 35 -23.88 -22.82 6.75
CA TYR C 35 -24.42 -22.81 8.11
C TYR C 35 -23.57 -21.93 9.01
N ALA C 36 -24.18 -20.91 9.61
CA ALA C 36 -23.47 -20.19 10.66
C ALA C 36 -23.67 -20.90 11.99
N GLU C 37 -22.58 -21.40 12.56
CA GLU C 37 -22.63 -22.12 13.83
C GLU C 37 -21.73 -21.48 14.88
N LYS C 38 -22.09 -21.69 16.15
CA LYS C 38 -21.22 -21.35 17.25
C LYS C 38 -20.38 -22.59 17.49
N ILE C 39 -19.08 -22.49 17.26
CA ILE C 39 -18.19 -23.61 17.45
C ILE C 39 -17.84 -23.77 18.93
N SER C 40 -17.54 -22.64 19.56
CA SER C 40 -17.22 -22.56 20.98
C SER C 40 -17.60 -21.16 21.44
N ASP C 41 -17.26 -20.82 22.67
CA ASP C 41 -17.62 -19.53 23.24
C ASP C 41 -16.96 -18.34 22.54
N GLU C 42 -15.71 -18.53 22.13
CA GLU C 42 -14.94 -17.47 21.50
C GLU C 42 -14.99 -17.53 19.97
N LEU C 43 -15.76 -18.45 19.43
CA LEU C 43 -15.64 -18.77 18.01
C LEU C 43 -16.99 -19.00 17.33
N TYR C 44 -17.26 -18.26 16.26
CA TYR C 44 -18.35 -18.57 15.34
C TYR C 44 -17.80 -18.87 13.96
N GLY C 45 -18.46 -19.76 13.23
CA GLY C 45 -17.95 -20.17 11.93
C GLY C 45 -19.02 -20.47 10.90
N TYR C 46 -18.57 -20.56 9.65
CA TYR C 46 -19.41 -21.04 8.58
C TYR C 46 -18.96 -22.45 8.18
N GLY C 47 -19.91 -23.29 7.77
CA GLY C 47 -19.60 -24.64 7.32
C GLY C 47 -20.52 -25.08 6.18
N LEU C 48 -20.12 -26.12 5.46
CA LEU C 48 -20.88 -26.59 4.33
C LEU C 48 -21.88 -27.64 4.78
N ALA C 49 -21.70 -28.11 6.02
CA ALA C 49 -22.60 -29.08 6.61
C ALA C 49 -22.83 -28.78 8.09
N PRO C 50 -23.98 -29.21 8.61
CA PRO C 50 -24.30 -29.10 10.04
C PRO C 50 -23.16 -29.65 10.89
N GLY C 51 -22.77 -28.90 11.91
CA GLY C 51 -21.66 -29.28 12.75
C GLY C 51 -20.30 -29.24 12.07
N GLY C 52 -20.26 -28.76 10.83
CA GLY C 52 -19.01 -28.74 10.08
C GLY C 52 -18.33 -27.39 9.95
N ALA C 53 -18.74 -26.42 10.76
CA ALA C 53 -18.21 -25.06 10.64
C ALA C 53 -16.74 -25.01 11.04
N THR C 54 -15.96 -24.26 10.26
CA THR C 54 -14.54 -24.07 10.56
C THR C 54 -14.18 -22.59 10.52
N VAL C 55 -13.08 -22.24 11.18
CA VAL C 55 -12.50 -20.91 11.07
C VAL C 55 -11.05 -21.00 10.57
N PRO C 56 -10.77 -20.43 9.40
CA PRO C 56 -11.67 -19.71 8.49
C PRO C 56 -12.66 -20.65 7.84
N GLY C 57 -13.72 -20.10 7.26
CA GLY C 57 -14.75 -20.93 6.64
C GLY C 57 -14.29 -21.61 5.37
N PRO C 58 -15.23 -22.25 4.67
CA PRO C 58 -14.76 -22.95 3.47
C PRO C 58 -14.32 -21.98 2.37
N VAL C 59 -13.38 -22.42 1.55
CA VAL C 59 -12.97 -21.62 0.40
C VAL C 59 -13.99 -21.76 -0.73
N LEU C 60 -14.61 -20.64 -1.11
CA LEU C 60 -15.58 -20.67 -2.20
C LEU C 60 -14.88 -20.37 -3.52
N GLU C 61 -15.08 -21.24 -4.50
CA GLU C 61 -14.36 -21.15 -5.78
C GLU C 61 -15.29 -20.90 -6.98
N MET C 62 -14.92 -19.96 -7.84
CA MET C 62 -15.72 -19.64 -9.03
C MET C 62 -14.85 -19.30 -10.24
N TRP C 63 -15.39 -19.56 -11.42
CA TRP C 63 -14.80 -19.01 -12.64
C TRP C 63 -15.65 -17.83 -13.10
N GLU C 64 -15.01 -16.78 -13.63
CA GLU C 64 -15.74 -15.59 -14.10
C GLU C 64 -16.89 -16.02 -15.02
N GLY C 65 -18.07 -15.48 -14.74
CA GLY C 65 -19.29 -15.84 -15.44
C GLY C 65 -20.21 -16.74 -14.63
N ASP C 66 -19.64 -17.47 -13.67
CA ASP C 66 -20.42 -18.37 -12.81
C ASP C 66 -21.25 -17.60 -11.81
N THR C 67 -22.27 -18.26 -11.30
CA THR C 67 -23.08 -17.69 -10.24
C THR C 67 -23.12 -18.64 -9.06
N LEU C 68 -23.00 -18.09 -7.86
CA LEU C 68 -23.05 -18.89 -6.65
C LEU C 68 -24.20 -18.43 -5.79
N GLU C 69 -25.20 -19.31 -5.65
CA GLU C 69 -26.39 -19.06 -4.84
C GLU C 69 -26.23 -19.77 -3.50
N ILE C 70 -26.34 -19.01 -2.41
CA ILE C 70 -26.08 -19.55 -1.08
C ILE C 70 -27.26 -19.39 -0.14
N ASP C 71 -27.69 -20.50 0.42
CA ASP C 71 -28.65 -20.43 1.52
C ASP C 71 -27.86 -20.34 2.81
N LEU C 72 -27.94 -19.21 3.50
CA LEU C 72 -27.29 -19.13 4.80
C LEU C 72 -28.26 -19.52 5.90
N VAL C 73 -28.00 -20.65 6.54
CA VAL C 73 -28.80 -21.08 7.67
C VAL C 73 -28.20 -20.53 8.96
N ASN C 74 -28.94 -19.69 9.69
CA ASN C 74 -28.39 -19.14 10.93
C ASN C 74 -28.79 -20.01 12.13
N THR C 75 -27.83 -20.77 12.66
CA THR C 75 -28.10 -21.71 13.74
C THR C 75 -27.75 -21.14 15.11
N THR C 76 -27.38 -19.87 15.15
CA THR C 76 -27.08 -19.25 16.43
C THR C 76 -28.27 -18.47 16.98
N ASP C 77 -28.05 -17.89 18.16
CA ASP C 77 -28.98 -16.98 18.81
C ASP C 77 -28.65 -15.51 18.53
N ARG C 78 -27.68 -15.29 17.65
CA ARG C 78 -27.19 -13.95 17.31
C ARG C 78 -27.67 -13.55 15.92
N VAL C 79 -27.94 -12.27 15.73
CA VAL C 79 -28.14 -11.76 14.39
C VAL C 79 -26.80 -11.72 13.66
N LEU C 80 -26.79 -12.17 12.39
CA LEU C 80 -25.57 -12.20 11.58
C LEU C 80 -25.90 -12.19 10.08
N SER C 81 -24.87 -12.23 9.24
CA SER C 81 -25.07 -12.13 7.79
C SER C 81 -23.91 -12.71 7.00
N LEU C 82 -24.02 -12.64 5.68
CA LEU C 82 -22.92 -13.02 4.82
C LEU C 82 -22.63 -11.88 3.86
N HIS C 83 -21.36 -11.49 3.74
CA HIS C 83 -21.03 -10.41 2.81
C HIS C 83 -19.75 -10.71 2.02
N PRO C 84 -19.83 -10.61 0.67
CA PRO C 84 -18.75 -10.84 -0.29
C PRO C 84 -17.96 -9.59 -0.65
N HIS C 85 -16.69 -9.73 -1.02
CA HIS C 85 -16.06 -8.67 -1.79
C HIS C 85 -16.00 -9.10 -3.26
N GLY C 86 -15.71 -8.14 -4.14
CA GLY C 86 -15.36 -8.35 -5.53
C GLY C 86 -16.48 -8.83 -6.46
N VAL C 87 -17.39 -9.68 -5.97
CA VAL C 87 -18.41 -10.27 -6.84
C VAL C 87 -19.58 -9.32 -7.06
N ASP C 88 -20.31 -9.54 -8.14
CA ASP C 88 -21.52 -8.75 -8.40
C ASP C 88 -22.67 -9.25 -7.52
N TYR C 89 -23.20 -8.35 -6.70
CA TYR C 89 -24.38 -8.66 -5.90
C TYR C 89 -25.26 -7.40 -5.82
N ASP C 90 -26.58 -7.59 -5.87
CA ASP C 90 -27.50 -6.48 -5.65
C ASP C 90 -27.62 -6.16 -4.16
N VAL C 91 -28.13 -4.98 -3.84
CA VAL C 91 -28.32 -4.59 -2.44
C VAL C 91 -29.05 -5.63 -1.58
N ASN C 92 -30.02 -6.35 -2.15
CA ASN C 92 -30.76 -7.37 -1.41
C ASN C 92 -29.88 -8.51 -0.90
N SER C 93 -28.72 -8.68 -1.53
CA SER C 93 -27.66 -9.62 -1.12
C SER C 93 -26.43 -9.05 -0.39
N ASP C 94 -26.44 -7.78 0.01
CA ASP C 94 -25.22 -7.21 0.59
C ASP C 94 -24.99 -7.53 2.07
N GLY C 95 -25.97 -8.17 2.70
CA GLY C 95 -25.78 -8.73 4.03
C GLY C 95 -25.63 -7.70 5.12
N THR C 96 -26.41 -6.64 5.04
CA THR C 96 -26.35 -5.59 6.05
C THR C 96 -27.77 -5.35 6.55
N LEU C 97 -27.88 -4.97 7.82
CA LEU C 97 -29.16 -4.67 8.41
C LEU C 97 -29.80 -3.51 7.68
N MET C 98 -29.00 -2.48 7.39
CA MET C 98 -29.48 -1.30 6.69
C MET C 98 -30.17 -1.65 5.37
N ASN C 99 -29.67 -2.66 4.67
CA ASN C 99 -30.31 -3.12 3.43
C ASN C 99 -31.31 -4.28 3.58
N GLY C 100 -31.68 -4.63 4.80
CA GLY C 100 -32.67 -5.66 5.09
C GLY C 100 -32.13 -7.04 4.70
N SER C 101 -30.81 -7.11 4.65
CA SER C 101 -30.10 -8.27 4.13
C SER C 101 -29.50 -9.23 5.18
N ALA C 102 -29.75 -9.00 6.46
CA ALA C 102 -29.19 -9.87 7.48
C ALA C 102 -30.08 -11.08 7.80
N VAL C 103 -29.60 -11.96 8.68
CA VAL C 103 -30.38 -13.16 9.05
C VAL C 103 -30.64 -13.24 10.56
N MET C 104 -31.91 -13.24 10.96
CA MET C 104 -32.28 -13.44 12.37
C MET C 104 -31.91 -14.83 12.85
N PRO C 105 -31.80 -15.01 14.18
CA PRO C 105 -31.58 -16.35 14.72
C PRO C 105 -32.68 -17.29 14.26
N GLY C 106 -32.26 -18.47 13.77
CA GLY C 106 -33.16 -19.50 13.28
C GLY C 106 -33.53 -19.42 11.82
N GLN C 107 -33.44 -18.22 11.23
CA GLN C 107 -33.89 -18.00 9.86
C GLN C 107 -32.90 -18.53 8.81
N THR C 108 -33.41 -18.75 7.60
CA THR C 108 -32.56 -19.05 6.46
C THR C 108 -32.64 -17.96 5.39
N ARG C 109 -31.48 -17.48 4.94
CA ARG C 109 -31.49 -16.43 3.91
C ARG C 109 -30.74 -16.78 2.63
N ARG C 110 -31.33 -16.42 1.50
CA ARG C 110 -30.67 -16.55 0.19
C ARG C 110 -29.82 -15.32 -0.18
N TYR C 111 -28.56 -15.61 -0.52
CA TYR C 111 -27.64 -14.63 -1.02
C TYR C 111 -27.21 -15.11 -2.41
N THR C 112 -27.08 -14.19 -3.35
CA THR C 112 -26.77 -14.54 -4.74
C THR C 112 -25.54 -13.74 -5.21
N TRP C 113 -24.45 -14.42 -5.55
CA TRP C 113 -23.25 -13.74 -6.07
C TRP C 113 -23.09 -14.09 -7.54
N ARG C 114 -23.11 -13.09 -8.40
CA ARG C 114 -22.83 -13.36 -9.80
C ARG C 114 -21.42 -12.88 -10.09
N SER C 115 -20.96 -13.13 -11.31
CA SER C 115 -19.63 -12.72 -11.75
C SER C 115 -19.60 -12.67 -13.27
N HIS C 116 -18.59 -12.04 -13.85
CA HIS C 116 -18.56 -11.87 -15.29
C HIS C 116 -17.16 -11.87 -15.86
N VAL C 117 -17.03 -12.22 -17.14
CA VAL C 117 -15.80 -11.97 -17.86
C VAL C 117 -15.74 -10.51 -18.30
N GLY C 118 -14.52 -10.03 -18.55
CA GLY C 118 -14.36 -8.68 -19.06
C GLY C 118 -15.12 -8.48 -20.37
N TYR C 119 -15.57 -7.27 -20.60
CA TYR C 119 -16.26 -6.93 -21.83
C TYR C 119 -16.04 -5.47 -22.12
N ARG C 120 -16.17 -5.10 -23.39
CA ARG C 120 -15.99 -3.73 -23.85
C ARG C 120 -17.28 -2.93 -23.62
N ARG C 121 -17.16 -1.77 -22.98
CA ARG C 121 -18.27 -0.82 -22.83
C ARG C 121 -18.51 -0.03 -24.11
N ALA C 122 -19.73 0.51 -24.25
CA ALA C 122 -20.06 1.36 -25.40
C ALA C 122 -19.15 2.59 -25.51
N ASP C 123 -18.58 3.03 -24.40
CA ASP C 123 -17.67 4.19 -24.40
C ASP C 123 -16.22 3.83 -24.78
N GLY C 124 -15.99 2.57 -25.12
CA GLY C 124 -14.67 2.14 -25.57
C GLY C 124 -13.81 1.57 -24.47
N SER C 125 -14.13 1.92 -23.22
CA SER C 125 -13.40 1.40 -22.07
C SER C 125 -13.73 -0.06 -21.82
N TRP C 126 -12.85 -0.71 -21.06
CA TRP C 126 -12.96 -2.13 -20.77
C TRP C 126 -13.44 -2.39 -19.34
N ALA C 127 -14.55 -3.10 -19.23
CA ALA C 127 -15.06 -3.55 -17.95
C ALA C 127 -14.29 -4.79 -17.54
N GLU C 128 -13.63 -4.74 -16.39
CA GLU C 128 -12.79 -5.85 -15.95
C GLU C 128 -13.62 -7.04 -15.46
N GLY C 129 -13.17 -8.25 -15.79
CA GLY C 129 -13.80 -9.43 -15.27
C GLY C 129 -13.53 -9.53 -13.78
N THR C 130 -14.31 -10.36 -13.08
CA THR C 130 -14.33 -10.44 -11.63
C THR C 130 -13.06 -11.00 -10.98
N ALA C 131 -12.24 -11.70 -11.73
CA ALA C 131 -11.22 -12.59 -11.18
C ALA C 131 -10.34 -11.91 -10.12
N GLY C 132 -10.08 -12.63 -9.04
CA GLY C 132 -9.29 -12.12 -7.95
C GLY C 132 -9.32 -13.02 -6.72
N TYR C 133 -8.48 -12.66 -5.74
CA TYR C 133 -8.52 -13.30 -4.45
C TYR C 133 -9.38 -12.42 -3.57
N TRP C 134 -10.58 -12.89 -3.28
CA TRP C 134 -11.54 -12.08 -2.59
C TRP C 134 -11.85 -12.84 -1.32
N HIS C 135 -12.82 -12.35 -0.56
CA HIS C 135 -13.16 -12.95 0.69
C HIS C 135 -14.58 -12.59 1.07
N TYR C 136 -15.12 -13.33 2.04
CA TYR C 136 -16.48 -13.10 2.50
C TYR C 136 -16.48 -13.12 4.03
N HIS C 137 -17.39 -12.36 4.63
CA HIS C 137 -17.46 -12.32 6.09
C HIS C 137 -18.79 -11.80 6.61
N ASP C 138 -19.04 -12.01 7.90
CA ASP C 138 -20.21 -11.43 8.55
C ASP C 138 -20.19 -9.91 8.45
N HIS C 139 -21.34 -9.33 8.10
CA HIS C 139 -21.55 -7.91 8.25
C HIS C 139 -22.57 -7.45 9.32
N ALA C 140 -23.27 -8.39 9.95
CA ALA C 140 -24.32 -8.04 10.91
C ALA C 140 -24.13 -8.29 12.43
N MET C 141 -23.04 -8.94 12.84
CA MET C 141 -22.97 -9.38 14.24
C MET C 141 -22.24 -8.39 15.14
N GLY C 142 -22.97 -7.92 16.14
CA GLY C 142 -22.50 -7.02 17.17
C GLY C 142 -22.59 -5.56 16.78
N THR C 143 -22.36 -5.26 15.50
CA THR C 143 -22.41 -3.89 14.99
C THR C 143 -22.80 -3.97 13.52
N GLU C 144 -23.22 -2.84 12.95
CA GLU C 144 -23.63 -2.77 11.56
C GLU C 144 -22.47 -3.11 10.63
N HIS C 145 -21.26 -3.13 11.18
CA HIS C 145 -20.08 -3.60 10.45
C HIS C 145 -19.60 -5.02 10.74
N GLY C 146 -20.35 -5.76 11.56
CA GLY C 146 -20.04 -7.15 11.81
C GLY C 146 -18.81 -7.32 12.67
N THR C 147 -18.51 -6.30 13.47
CA THR C 147 -17.28 -6.29 14.25
C THR C 147 -17.12 -7.55 15.14
N GLU C 148 -18.16 -7.89 15.89
CA GLU C 148 -18.10 -9.11 16.70
C GLU C 148 -18.01 -10.38 15.86
N GLY C 149 -18.77 -10.42 14.76
CA GLY C 149 -18.74 -11.58 13.85
C GLY C 149 -17.41 -11.81 13.16
N VAL C 150 -16.80 -10.75 12.66
CA VAL C 150 -15.43 -10.87 12.14
C VAL C 150 -14.48 -11.33 13.25
N LEU C 151 -14.50 -10.65 14.40
CA LEU C 151 -13.67 -11.01 15.54
C LEU C 151 -13.74 -12.51 15.94
N LYS C 152 -14.93 -13.07 15.99
CA LYS C 152 -15.10 -14.45 16.50
C LYS C 152 -14.95 -15.50 15.39
N GLY C 153 -14.57 -15.03 14.21
CA GLY C 153 -14.18 -15.91 13.12
C GLY C 153 -15.07 -16.12 11.92
N LEU C 154 -16.07 -15.30 11.67
CA LEU C 154 -16.87 -15.57 10.50
C LEU C 154 -16.25 -14.84 9.31
N TYR C 155 -15.44 -15.58 8.58
CA TYR C 155 -14.79 -15.08 7.39
C TYR C 155 -14.28 -16.27 6.61
N GLY C 156 -14.07 -16.07 5.32
CA GLY C 156 -13.47 -17.09 4.49
C GLY C 156 -13.04 -16.51 3.16
N ALA C 157 -12.23 -17.28 2.42
CA ALA C 157 -11.72 -16.88 1.12
C ALA C 157 -12.74 -17.15 0.01
N LEU C 158 -12.84 -16.20 -0.91
CA LEU C 158 -13.65 -16.34 -2.10
C LEU C 158 -12.73 -16.15 -3.30
N VAL C 159 -12.46 -17.24 -4.01
CA VAL C 159 -11.52 -17.20 -5.11
C VAL C 159 -12.27 -17.22 -6.43
N VAL C 160 -12.16 -16.14 -7.20
CA VAL C 160 -12.72 -16.13 -8.54
C VAL C 160 -11.63 -16.27 -9.57
N ARG C 161 -11.73 -17.30 -10.39
CA ARG C 161 -10.66 -17.58 -11.33
C ARG C 161 -11.02 -17.17 -12.75
N ARG C 162 -9.97 -16.76 -13.47
CA ARG C 162 -10.02 -16.50 -14.91
C ARG C 162 -9.55 -17.74 -15.69
N GLN C 163 -10.15 -17.99 -16.85
CA GLN C 163 -9.79 -19.13 -17.68
C GLN C 163 -8.29 -19.16 -17.93
N GLY C 164 -7.70 -20.34 -17.75
CA GLY C 164 -6.27 -20.48 -17.94
C GLY C 164 -5.41 -20.28 -16.70
N ASP C 165 -6.01 -19.85 -15.59
CA ASP C 165 -5.26 -19.71 -14.35
C ASP C 165 -4.77 -21.09 -13.86
N LEU C 166 -3.53 -21.15 -13.39
CA LEU C 166 -2.93 -22.39 -12.90
C LEU C 166 -3.50 -22.73 -11.52
N LEU C 167 -3.87 -24.01 -11.35
CA LEU C 167 -4.46 -24.51 -10.12
C LEU C 167 -3.42 -25.10 -9.15
N PRO C 168 -3.59 -24.86 -7.84
CA PRO C 168 -2.64 -25.35 -6.84
C PRO C 168 -2.81 -26.83 -6.49
N LYS C 169 -1.73 -27.45 -5.98
CA LYS C 169 -1.83 -28.72 -5.27
C LYS C 169 -2.27 -28.53 -3.80
N ARG C 170 -1.78 -27.46 -3.17
CA ARG C 170 -2.16 -27.13 -1.80
C ARG C 170 -2.71 -25.70 -1.75
N GLN C 171 -3.64 -25.46 -0.84
CA GLN C 171 -4.23 -24.13 -0.70
C GLN C 171 -4.39 -23.72 0.76
N PHE C 172 -3.80 -22.58 1.10
CA PHE C 172 -3.82 -22.10 2.47
C PHE C 172 -4.54 -20.78 2.57
N THR C 173 -5.46 -20.67 3.52
CA THR C 173 -6.04 -19.38 3.87
C THR C 173 -5.39 -18.84 5.13
N VAL C 174 -4.71 -17.70 5.03
CA VAL C 174 -4.22 -17.02 6.22
C VAL C 174 -4.93 -15.72 6.45
N VAL C 175 -5.51 -15.58 7.63
CA VAL C 175 -6.26 -14.41 7.99
C VAL C 175 -5.57 -13.80 9.18
N PHE C 176 -5.12 -12.57 9.04
CA PHE C 176 -4.59 -11.87 10.19
C PHE C 176 -5.77 -11.10 10.78
N ASN C 177 -6.28 -11.60 11.91
CA ASN C 177 -7.45 -10.99 12.52
C ASN C 177 -7.11 -10.43 13.88
N ASP C 178 -7.08 -9.10 13.97
CA ASP C 178 -6.47 -8.42 15.10
C ASP C 178 -5.10 -9.02 15.41
N MET C 179 -4.87 -9.47 16.63
CA MET C 179 -3.59 -10.09 16.97
C MET C 179 -3.55 -11.59 16.70
N MET C 180 -4.59 -12.12 16.05
CA MET C 180 -4.69 -13.57 15.79
C MET C 180 -4.39 -13.97 14.35
N ILE C 181 -3.89 -15.19 14.21
CA ILE C 181 -3.79 -15.85 12.91
C ILE C 181 -4.86 -16.93 12.85
N ASN C 182 -5.87 -16.74 12.01
CA ASN C 182 -7.00 -17.67 11.93
C ASN C 182 -7.63 -17.95 13.29
N ASN C 183 -7.74 -16.91 14.10
CA ASN C 183 -8.29 -17.02 15.45
C ASN C 183 -7.60 -18.03 16.37
N ARG C 184 -6.35 -18.35 16.07
CA ARG C 184 -5.58 -19.07 17.06
C ARG C 184 -5.12 -17.99 18.04
N ALA C 185 -5.60 -18.08 19.27
CA ALA C 185 -5.32 -17.02 20.25
C ALA C 185 -4.23 -17.39 21.24
N HIS C 186 -3.69 -18.59 21.07
CA HIS C 186 -2.75 -19.23 22.01
C HIS C 186 -1.24 -19.36 21.73
N HIS C 187 -0.70 -18.59 20.79
CA HIS C 187 0.67 -18.83 20.30
C HIS C 187 0.70 -20.17 19.57
N ASP C 188 -0.48 -20.56 19.10
CA ASP C 188 -0.78 -21.76 18.31
C ASP C 188 -0.93 -21.55 16.78
N ALA C 189 -0.41 -20.47 16.21
CA ALA C 189 -0.67 -20.16 14.80
C ALA C 189 -0.50 -21.38 13.88
N PRO C 190 -1.39 -21.52 12.90
CA PRO C 190 -1.41 -22.73 12.07
C PRO C 190 -0.07 -23.08 11.42
N THR C 191 0.16 -24.38 11.30
CA THR C 191 1.23 -24.93 10.49
C THR C 191 0.61 -25.38 9.18
N PHE C 192 1.02 -24.78 8.07
CA PHE C 192 0.55 -25.19 6.74
C PHE C 192 1.62 -26.09 6.08
N GLU C 193 1.21 -27.21 5.52
CA GLU C 193 2.22 -28.15 5.04
C GLU C 193 2.18 -28.39 3.55
N ALA C 194 3.37 -28.55 2.98
CA ALA C 194 3.46 -29.01 1.61
C ALA C 194 4.72 -29.87 1.42
N ASN C 195 4.71 -30.67 0.38
CA ASN C 195 5.91 -31.37 -0.02
C ASN C 195 6.76 -30.58 -0.99
N LEU C 196 8.06 -30.76 -0.89
CA LEU C 196 8.98 -30.03 -1.72
C LEU C 196 8.60 -30.14 -3.19
N GLY C 197 8.42 -28.99 -3.83
CA GLY C 197 8.19 -28.96 -5.25
C GLY C 197 6.74 -28.79 -5.65
N GLU C 198 5.83 -28.87 -4.68
CA GLU C 198 4.39 -28.74 -4.96
C GLU C 198 3.98 -27.29 -5.16
N ARG C 199 3.02 -27.08 -6.03
CA ARG C 199 2.49 -25.75 -6.29
C ARG C 199 1.53 -25.39 -5.18
N VAL C 200 1.83 -24.28 -4.49
CA VAL C 200 1.07 -23.89 -3.31
C VAL C 200 0.40 -22.52 -3.44
N GLU C 201 -0.90 -22.48 -3.18
CA GLU C 201 -1.64 -21.23 -3.18
C GLU C 201 -1.84 -20.69 -1.76
N TRP C 202 -1.52 -19.42 -1.59
CA TRP C 202 -1.78 -18.70 -0.35
C TRP C 202 -2.86 -17.67 -0.57
N ILE C 203 -3.89 -17.66 0.26
CA ILE C 203 -4.90 -16.60 0.22
C ILE C 203 -4.81 -15.81 1.51
N ALA C 204 -4.47 -14.55 1.41
CA ALA C 204 -4.22 -13.74 2.59
C ALA C 204 -5.33 -12.72 2.78
N ILE C 205 -5.88 -12.64 4.00
CA ILE C 205 -7.00 -11.73 4.31
C ILE C 205 -6.68 -10.99 5.60
N GLY C 206 -6.91 -9.68 5.62
CA GLY C 206 -6.84 -8.89 6.85
C GLY C 206 -8.21 -8.61 7.45
N HIS C 207 -8.28 -8.50 8.76
CA HIS C 207 -9.51 -8.16 9.46
C HIS C 207 -9.17 -7.54 10.80
N GLY C 208 -10.15 -6.83 11.36
CA GLY C 208 -10.02 -6.27 12.69
C GLY C 208 -9.57 -4.82 12.70
N SER C 209 -8.96 -4.41 13.81
CA SER C 209 -8.54 -3.04 14.04
C SER C 209 -7.03 -2.75 14.00
N ASN C 210 -6.22 -3.74 13.65
CA ASN C 210 -4.78 -3.56 13.64
C ASN C 210 -4.18 -3.59 12.23
N PHE C 211 -3.00 -3.00 12.10
CA PHE C 211 -2.27 -3.06 10.83
C PHE C 211 -1.24 -4.22 10.87
N HIS C 212 -1.05 -4.89 9.75
CA HIS C 212 -0.11 -5.99 9.70
C HIS C 212 0.65 -5.98 8.41
N THR C 213 1.81 -6.61 8.43
CA THR C 213 2.51 -6.97 7.21
C THR C 213 2.77 -8.47 7.19
N PHE C 214 2.31 -9.11 6.13
CA PHE C 214 2.48 -10.53 5.98
C PHE C 214 3.79 -10.86 5.28
N HIS C 215 4.57 -11.73 5.89
CA HIS C 215 5.89 -12.06 5.37
C HIS C 215 6.14 -13.56 5.37
N LEU C 216 6.75 -14.05 4.31
CA LEU C 216 7.01 -15.47 4.13
C LEU C 216 8.50 -15.74 3.89
N HIS C 217 9.16 -16.44 4.82
CA HIS C 217 10.57 -16.79 4.64
C HIS C 217 10.76 -17.71 3.43
N GLY C 218 11.89 -17.56 2.76
CA GLY C 218 12.32 -18.48 1.72
C GLY C 218 11.42 -18.59 0.51
N HIS C 219 10.55 -17.60 0.33
CA HIS C 219 9.65 -17.59 -0.81
C HIS C 219 9.31 -16.17 -1.21
N ARG C 220 9.02 -15.99 -2.49
CA ARG C 220 8.63 -14.69 -3.02
C ARG C 220 7.60 -14.86 -4.16
N TRP C 221 6.91 -13.78 -4.48
CA TRP C 221 5.91 -13.76 -5.54
C TRP C 221 5.82 -12.36 -6.21
N LEU C 222 5.44 -12.35 -7.47
CA LEU C 222 5.24 -11.08 -8.18
C LEU C 222 4.07 -10.31 -7.57
N ASP C 223 4.19 -8.99 -7.40
CA ASP C 223 3.10 -8.29 -6.76
C ASP C 223 2.10 -7.86 -7.85
N ASN C 224 1.10 -8.72 -8.05
CA ASN C 224 0.09 -8.59 -9.10
C ASN C 224 -1.04 -9.58 -8.81
N ARG C 225 -2.02 -9.69 -9.70
CA ARG C 225 -3.18 -10.53 -9.42
C ARG C 225 -2.83 -11.97 -8.99
N THR C 226 -2.09 -12.67 -9.86
CA THR C 226 -1.75 -14.07 -9.62
C THR C 226 -0.42 -14.33 -8.94
N GLY C 227 0.39 -13.29 -8.77
CA GLY C 227 1.72 -13.48 -8.22
C GLY C 227 2.71 -14.09 -9.20
N MET C 228 2.38 -14.09 -10.49
CA MET C 228 3.32 -14.61 -11.48
C MET C 228 3.28 -13.81 -12.77
N ARG C 229 4.29 -13.97 -13.61
CA ARG C 229 4.46 -13.15 -14.80
C ARG C 229 3.69 -13.68 -16.01
N THR C 230 2.82 -12.84 -16.59
CA THR C 230 2.18 -13.16 -17.87
C THR C 230 2.71 -12.55 -19.19
N SER C 231 3.58 -11.53 -19.12
CA SER C 231 4.22 -11.01 -20.33
C SER C 231 5.56 -10.35 -19.97
N GLU C 232 6.43 -10.12 -20.95
CA GLU C 232 7.69 -9.47 -20.61
C GLU C 232 7.46 -8.03 -20.16
N TYR C 233 6.23 -7.55 -20.33
CA TYR C 233 5.88 -6.15 -20.02
C TYR C 233 5.46 -5.92 -18.58
N ASP C 234 5.16 -6.99 -17.86
CA ASP C 234 4.73 -6.88 -16.48
C ASP C 234 5.89 -6.30 -15.69
N PRO C 235 5.72 -5.05 -15.20
CA PRO C 235 6.59 -4.21 -14.37
C PRO C 235 6.58 -4.55 -12.87
N SER C 236 5.58 -5.31 -12.44
CA SER C 236 5.35 -5.62 -11.02
C SER C 236 6.64 -6.04 -10.34
N PRO C 237 6.91 -5.49 -9.15
CA PRO C 237 8.09 -5.89 -8.39
C PRO C 237 7.91 -7.29 -7.83
N LEU C 238 9.02 -7.98 -7.57
CA LEU C 238 8.95 -9.26 -6.85
C LEU C 238 9.07 -8.93 -5.36
N ILE C 239 8.20 -9.51 -4.53
CA ILE C 239 8.11 -9.19 -3.10
C ILE C 239 8.09 -10.45 -2.25
N ASP C 240 8.65 -10.41 -1.04
CA ASP C 240 8.39 -11.45 -0.05
C ASP C 240 7.52 -11.02 1.15
N ILE C 241 7.02 -9.79 1.09
CA ILE C 241 6.24 -9.24 2.20
C ILE C 241 5.23 -8.22 1.65
N LYS C 242 4.04 -8.16 2.25
CA LYS C 242 3.02 -7.21 1.80
C LYS C 242 2.07 -6.77 2.94
N ASP C 243 1.65 -5.49 2.91
CA ASP C 243 0.64 -5.00 3.85
C ASP C 243 -0.61 -5.89 3.82
N LEU C 244 -1.07 -6.31 4.99
CA LEU C 244 -2.35 -6.98 5.02
C LEU C 244 -3.20 -6.34 6.10
N ASN C 245 -4.04 -5.38 5.69
CA ASN C 245 -4.81 -4.60 6.64
C ASN C 245 -6.28 -4.95 6.60
N PRO C 246 -7.08 -4.37 7.50
CA PRO C 246 -8.46 -4.87 7.58
C PRO C 246 -9.29 -4.70 6.31
N GLY C 247 -9.90 -5.79 5.88
CA GLY C 247 -10.71 -5.82 4.68
C GLY C 247 -9.93 -6.24 3.45
N VAL C 248 -8.62 -6.20 3.54
CA VAL C 248 -7.75 -6.43 2.39
C VAL C 248 -7.44 -7.90 2.17
N SER C 249 -7.46 -8.33 0.92
CA SER C 249 -7.06 -9.67 0.55
C SER C 249 -6.16 -9.66 -0.69
N PHE C 250 -5.49 -10.77 -0.90
CA PHE C 250 -4.66 -10.95 -2.07
C PHE C 250 -4.17 -12.36 -1.98
N GLY C 251 -3.52 -12.83 -3.05
CA GLY C 251 -3.06 -14.20 -3.11
C GLY C 251 -1.97 -14.40 -4.13
N PHE C 252 -1.28 -15.53 -4.04
CA PHE C 252 -0.22 -15.87 -4.96
C PHE C 252 0.00 -17.37 -4.88
N GLN C 253 0.67 -17.91 -5.89
CA GLN C 253 1.13 -19.29 -5.79
C GLN C 253 2.66 -19.27 -5.70
N VAL C 254 3.23 -20.21 -4.97
CA VAL C 254 4.68 -20.45 -5.02
C VAL C 254 4.93 -21.93 -5.26
N ILE C 255 6.15 -22.26 -5.67
CA ILE C 255 6.59 -23.65 -5.67
C ILE C 255 7.33 -23.92 -4.36
N ALA C 256 6.81 -24.85 -3.57
CA ALA C 256 7.33 -25.06 -2.23
C ALA C 256 8.81 -25.38 -2.27
N GLY C 257 9.57 -24.57 -1.52
CA GLY C 257 11.00 -24.77 -1.35
C GLY C 257 11.81 -24.58 -2.61
N GLU C 258 11.28 -23.82 -3.56
CA GLU C 258 11.98 -23.68 -4.84
C GLU C 258 13.30 -22.91 -4.66
N GLY C 259 14.40 -23.55 -5.06
CA GLY C 259 15.72 -22.98 -4.96
C GLY C 259 16.17 -22.87 -3.51
N VAL C 260 15.27 -23.13 -2.57
CA VAL C 260 15.65 -23.06 -1.15
C VAL C 260 15.73 -24.36 -0.30
N GLY C 261 15.21 -25.47 -0.83
CA GLY C 261 15.15 -26.72 -0.08
C GLY C 261 13.99 -26.76 0.92
N PRO C 262 13.77 -27.92 1.56
CA PRO C 262 12.67 -28.11 2.53
C PRO C 262 13.03 -27.59 3.91
N GLY C 263 12.08 -27.60 4.85
CA GLY C 263 12.41 -27.17 6.22
C GLY C 263 11.28 -26.43 6.93
N MET C 264 11.59 -25.87 8.10
CA MET C 264 10.60 -25.07 8.79
C MET C 264 10.80 -23.64 8.32
N TRP C 265 9.87 -23.20 7.49
CA TRP C 265 9.96 -21.86 6.91
C TRP C 265 8.93 -20.95 7.58
N MET C 266 9.42 -19.94 8.27
CA MET C 266 8.53 -19.02 8.98
C MET C 266 7.70 -18.20 8.01
N TYR C 267 6.45 -18.00 8.39
CA TYR C 267 5.64 -16.89 7.88
C TYR C 267 5.23 -16.15 9.15
N HIS C 268 5.01 -14.85 9.03
CA HIS C 268 4.65 -14.08 10.19
C HIS C 268 4.33 -12.63 9.85
N CYS C 269 3.86 -11.90 10.85
CA CYS C 269 3.72 -10.49 10.71
C CYS C 269 5.05 -9.83 11.08
N HIS C 270 5.54 -9.00 10.18
CA HIS C 270 6.81 -8.33 10.39
C HIS C 270 6.76 -7.18 11.40
N VAL C 271 5.57 -6.86 11.92
CA VAL C 271 5.46 -5.85 12.95
C VAL C 271 6.02 -6.48 14.22
N GLN C 272 7.13 -5.96 14.72
CA GLN C 272 7.93 -6.69 15.70
C GLN C 272 7.14 -7.06 16.96
N ASN C 273 6.48 -6.08 17.55
CA ASN C 273 5.71 -6.39 18.74
C ASN C 273 4.60 -7.42 18.45
N HIS C 274 4.15 -7.49 17.20
CA HIS C 274 3.15 -8.49 16.83
C HIS C 274 3.75 -9.88 16.77
N SER C 275 4.86 -10.01 16.06
CA SER C 275 5.44 -11.33 15.95
C SER C 275 5.76 -11.86 17.36
N ASP C 276 6.45 -11.04 18.16
CA ASP C 276 6.79 -11.39 19.54
C ASP C 276 5.58 -11.85 20.35
N MET C 277 4.41 -11.32 19.99
CA MET C 277 3.17 -11.61 20.69
C MET C 277 2.45 -12.80 20.09
N GLY C 278 3.11 -13.49 19.17
CA GLY C 278 2.53 -14.68 18.60
C GLY C 278 1.98 -14.69 17.18
N MET C 279 2.23 -13.67 16.36
CA MET C 279 1.76 -13.83 14.99
C MET C 279 2.94 -14.30 14.15
N ALA C 280 3.14 -15.61 14.23
CA ALA C 280 4.18 -16.32 13.52
C ALA C 280 3.73 -17.76 13.53
N GLY C 281 3.96 -18.43 12.42
CA GLY C 281 3.62 -19.83 12.28
C GLY C 281 4.62 -20.40 11.30
N MET C 282 4.46 -21.68 11.01
CA MET C 282 5.37 -22.36 10.10
C MET C 282 4.70 -22.76 8.78
N PHE C 283 5.47 -22.61 7.70
CA PHE C 283 5.17 -23.24 6.43
C PHE C 283 6.16 -24.40 6.41
N LEU C 284 5.65 -25.60 6.61
CA LEU C 284 6.51 -26.78 6.69
C LEU C 284 6.61 -27.41 5.32
N VAL C 285 7.80 -27.36 4.74
CA VAL C 285 8.02 -28.04 3.47
C VAL C 285 8.67 -29.36 3.78
N ARG C 286 7.96 -30.45 3.48
CA ARG C 286 8.53 -31.77 3.72
C ARG C 286 9.46 -32.12 2.59
N ASN C 287 10.13 -33.27 2.70
CA ASN C 287 10.91 -33.80 1.61
C ASN C 287 9.98 -34.20 0.48
N ALA C 288 10.51 -34.28 -0.72
CA ALA C 288 9.69 -34.61 -1.87
C ALA C 288 8.81 -35.82 -1.57
N ASP C 289 9.33 -36.74 -0.75
CA ASP C 289 8.62 -37.97 -0.39
C ASP C 289 7.70 -37.91 0.83
N GLY C 290 7.59 -36.74 1.46
CA GLY C 290 6.61 -36.56 2.53
C GLY C 290 7.17 -36.61 3.94
N THR C 291 8.43 -37.02 4.05
CA THR C 291 9.08 -37.11 5.35
C THR C 291 9.51 -35.74 5.88
N MET C 292 9.70 -35.65 7.19
CA MET C 292 10.17 -34.43 7.86
C MET C 292 11.62 -34.20 7.43
N PRO C 293 12.07 -32.94 7.44
CA PRO C 293 13.51 -32.62 7.28
C PRO C 293 14.27 -32.50 8.62
#